data_6ARU
#
_entry.id   6ARU
#
_cell.length_a   77.495
_cell.length_b   70.444
_cell.length_c   149.079
_cell.angle_alpha   90.00
_cell.angle_beta   100.95
_cell.angle_gamma   90.00
#
_symmetry.space_group_name_H-M   'P 1 21 1'
#
loop_
_entity.id
_entity.type
_entity.pdbx_description
1 polymer 'Epidermal growth factor receptor'
2 polymer 'Cetuximab mutant light chain,Uncharacterized protein'
3 polymer 'Cetuximab mutant heavy chain Fab fragment,Immunoglobulin gamma-1 heavy chain'
4 branched alpha-D-mannopyranose-(1-3)-alpha-D-mannopyranose-(1-3)-[alpha-D-mannopyranose-(1-3)-[alpha-D-mannopyranose-(1-6)]alpha-D-mannopyranose-(1-6)]beta-D-mannopyranose-(1-4)-2-acetamido-2-deoxy-beta-D-glucopyranose-(1-4)-2-acetamido-2-deoxy-beta-D-glucopyranose
5 branched 2-acetamido-2-deoxy-beta-D-glucopyranose-(1-4)-2-acetamido-2-deoxy-beta-D-glucopyranose
6 non-polymer 2-acetamido-2-deoxy-beta-D-glucopyranose
#
loop_
_entity_poly.entity_id
_entity_poly.type
_entity_poly.pdbx_seq_one_letter_code
_entity_poly.pdbx_strand_id
1 'polypeptide(L)'
;LEEKKVCQGTSNKLTQLGTFEDHFLSLQRMFNNCEVVLGNLEITYVQRNYDLSFLKTIQEVAGYVLIALNTVERIPLENL
QIIRGNMYYENSYALAVLSNYDANKTGLKELPMRNLQEILHGAVRFSNNPALCNVESIQWRDIVSSDFLSNMSMDFQNHL
GSCQKCDPSCPNGSCWGAGEENCQKLTKIICAQQCSGRCRGKSPSDCCHNQCAAGCTGPRESDCLVCRKFRDEATCKDTC
PPLMLYNPTTYQMDVNPEGKYSFGATCVKKCPRNYVVTDHGSCVRACGADSYEMEEDGVRKCKKCEGPCRKVCNGIGIGE
FKDSLSINATNIKHFKNCTSISGDLHILPVAFRGDSFTHTPPLDPQELDILKTVKEITGFLLIQAWPENRTDLHAFENLE
IIRGRTKQHGQFSLAVVSLNITSLGLRSLKEISDGDVIISGNKNLCYANTINWKKLFGTSGQKTKIISNRGENSCKATGQ
VCHALCSPEGCWGPEPRDCVSCRNVSRGRECVDKCKLLEGEPREFVENSECIQCHPECLPQAMNITCTGRGPDNCIQCAH
YIDGPHCVKTCPAGVMGENNTLVWKYADAGHVCHLCHPNCTYGCTGPGLRGCPTNGHHHHHH
;
A
2 'polypeptide(L)'
;DILLTQSPVILSVSPGERVSFSCRASQSIGTNIHWYQQRTNGSPRLLIKYADESIDGIPSRFSGSGSGTDFTLSINSVES
EDIADYYCQQNNNWPTTFGAGTKLELKRTVAAPSVFIFPPSDEQLKSGTASVVCLLNNFYPREAKVQWKVDNALQSGNSQ
ESVTEQDSKDSTYSLSSTLTLSKADYEKHKVYACEVTHQGLSSPVTKSFNRGEC
;
B
3 'polypeptide(L)'
;QVQLKQSGPGLVQPSQSLSITCTVSGFDLTDYGVHWVRQSPGKGLEWLGVIWSGGNTDYNTPFTSRLSINKDNSKSQVFF
KMNSLQSNDTAIYYCARALTYYDYEFAYWGQGTLVTVSAASTKGPSVFPLAPSSKSTSGGTAALGCLVKDYFPEPVTVSW
NSGALTSGVHTFPAVLQSSGLYSLSSVVTVPSSSLGTQTYICNVNHKPSNTKVDKKVEPKSC
;
C
#
# COMPACT_ATOMS: atom_id res chain seq x y z
N LYS A 4 -50.50 -1.90 10.93
CA LYS A 4 -50.98 -2.19 9.58
C LYS A 4 -49.87 -2.38 8.56
N LYS A 5 -50.23 -3.07 7.50
CA LYS A 5 -49.32 -3.29 6.36
C LYS A 5 -49.10 -2.05 5.50
N VAL A 6 -47.86 -1.57 5.45
CA VAL A 6 -47.52 -0.36 4.71
C VAL A 6 -46.82 -0.64 3.38
N CYS A 7 -46.80 0.36 2.51
CA CYS A 7 -46.06 0.29 1.26
C CYS A 7 -45.70 1.72 0.84
N GLN A 8 -44.66 1.85 0.03
CA GLN A 8 -44.15 3.17 -0.33
C GLN A 8 -44.99 3.91 -1.36
N GLY A 9 -45.54 3.20 -2.33
CA GLY A 9 -46.20 3.85 -3.45
C GLY A 9 -45.18 4.28 -4.48
N THR A 10 -45.62 5.05 -5.48
CA THR A 10 -44.75 5.45 -6.59
C THR A 10 -44.90 6.94 -6.90
N SER A 11 -44.00 7.46 -7.74
CA SER A 11 -44.03 8.87 -8.15
C SER A 11 -43.71 9.00 -9.63
N ASN A 12 -44.22 8.06 -10.42
CA ASN A 12 -43.97 8.04 -11.86
C ASN A 12 -44.89 8.97 -12.63
N LYS A 13 -45.80 9.62 -11.91
CA LYS A 13 -46.81 10.50 -12.50
C LYS A 13 -47.44 9.85 -13.75
N LEU A 14 -47.23 10.40 -14.94
CA LEU A 14 -47.85 9.83 -16.13
C LEU A 14 -46.93 8.88 -16.90
N THR A 15 -45.79 8.54 -16.31
CA THR A 15 -44.84 7.64 -16.96
C THR A 15 -45.36 6.21 -17.06
N GLN A 16 -45.14 5.63 -18.24
CA GLN A 16 -45.48 4.23 -18.50
C GLN A 16 -44.23 3.40 -18.28
N LEU A 17 -44.38 2.24 -17.67
CA LEU A 17 -43.22 1.42 -17.40
C LEU A 17 -43.30 0.19 -18.30
N GLY A 18 -42.63 0.24 -19.44
CA GLY A 18 -42.71 -0.89 -20.34
C GLY A 18 -44.06 -0.98 -21.03
N THR A 19 -44.42 -2.20 -21.41
CA THR A 19 -45.73 -2.47 -22.01
C THR A 19 -46.84 -2.42 -20.96
N PHE A 20 -48.09 -2.49 -21.43
CA PHE A 20 -49.24 -2.50 -20.54
C PHE A 20 -49.20 -3.59 -19.47
N GLU A 21 -48.77 -4.79 -19.88
CA GLU A 21 -48.67 -5.89 -18.94
C GLU A 21 -47.55 -5.70 -17.94
N ASP A 22 -46.38 -5.29 -18.40
CA ASP A 22 -45.25 -5.06 -17.50
C ASP A 22 -45.64 -4.02 -16.47
N HIS A 23 -46.20 -2.92 -16.95
CA HIS A 23 -46.65 -1.81 -16.09
C HIS A 23 -47.64 -2.30 -15.04
N PHE A 24 -48.58 -3.11 -15.48
CA PHE A 24 -49.58 -3.69 -14.59
C PHE A 24 -48.89 -4.53 -13.54
N LEU A 25 -47.99 -5.40 -13.98
CA LEU A 25 -47.24 -6.27 -13.09
C LEU A 25 -46.52 -5.48 -12.00
N SER A 26 -45.92 -4.35 -12.37
CA SER A 26 -45.17 -3.56 -11.40
C SER A 26 -46.12 -2.82 -10.45
N LEU A 27 -47.28 -2.42 -10.95
CA LEU A 27 -48.30 -1.81 -10.11
C LEU A 27 -48.79 -2.81 -9.06
N GLN A 28 -49.18 -4.01 -9.52
CA GLN A 28 -49.63 -5.10 -8.65
C GLN A 28 -48.57 -5.46 -7.62
N ARG A 29 -47.32 -5.59 -8.08
CA ARG A 29 -46.20 -5.95 -7.22
C ARG A 29 -46.10 -4.90 -6.12
N MET A 30 -46.24 -3.63 -6.49
CA MET A 30 -46.18 -2.53 -5.53
C MET A 30 -47.34 -2.51 -4.50
N PHE A 31 -48.60 -2.55 -4.95
CA PHE A 31 -49.73 -2.40 -4.03
C PHE A 31 -50.47 -3.65 -3.53
N ASN A 32 -50.04 -4.85 -3.92
CA ASN A 32 -50.70 -6.08 -3.47
C ASN A 32 -50.58 -6.20 -1.96
N ASN A 33 -51.72 -6.27 -1.28
CA ASN A 33 -51.84 -6.38 0.18
C ASN A 33 -51.53 -5.09 0.94
N CYS A 34 -51.42 -3.97 0.22
CA CYS A 34 -51.13 -2.69 0.86
C CYS A 34 -52.37 -2.13 1.57
N GLU A 35 -52.17 -1.61 2.77
CA GLU A 35 -53.26 -0.97 3.51
C GLU A 35 -53.03 0.52 3.61
N VAL A 36 -51.77 0.93 3.74
CA VAL A 36 -51.43 2.33 3.87
C VAL A 36 -50.34 2.75 2.89
N VAL A 37 -50.67 3.68 2.01
CA VAL A 37 -49.67 4.13 1.06
C VAL A 37 -49.02 5.37 1.66
N LEU A 38 -47.74 5.24 2.01
CA LEU A 38 -47.00 6.35 2.61
C LEU A 38 -46.67 7.40 1.58
N GLY A 39 -46.53 6.97 0.33
CA GLY A 39 -46.22 7.90 -0.73
C GLY A 39 -47.49 8.10 -1.54
N ASN A 40 -47.39 7.96 -2.85
CA ASN A 40 -48.57 8.14 -3.67
C ASN A 40 -49.13 6.87 -4.27
N LEU A 41 -50.44 6.88 -4.44
CA LEU A 41 -51.15 5.82 -5.13
C LEU A 41 -51.37 6.27 -6.58
N GLU A 42 -50.64 5.68 -7.51
CA GLU A 42 -50.76 6.02 -8.92
C GLU A 42 -51.25 4.80 -9.69
N ILE A 43 -52.42 4.96 -10.32
CA ILE A 43 -53.05 3.91 -11.11
C ILE A 43 -53.24 4.42 -12.53
N THR A 44 -52.38 3.94 -13.42
CA THR A 44 -52.36 4.38 -14.80
C THR A 44 -52.24 3.23 -15.79
N TYR A 45 -52.74 3.45 -17.01
CA TYR A 45 -52.60 2.51 -18.12
C TYR A 45 -53.12 1.10 -17.85
N VAL A 46 -54.08 0.97 -16.94
CA VAL A 46 -54.65 -0.34 -16.66
C VAL A 46 -55.69 -0.60 -17.73
N GLN A 47 -55.41 -1.58 -18.59
CA GLN A 47 -56.32 -1.91 -19.69
C GLN A 47 -57.54 -2.72 -19.26
N ARG A 48 -58.59 -2.64 -20.07
CA ARG A 48 -59.83 -3.36 -19.82
C ARG A 48 -59.59 -4.85 -19.52
N ASN A 49 -60.34 -5.37 -18.54
CA ASN A 49 -60.35 -6.76 -18.08
C ASN A 49 -59.24 -7.15 -17.09
N TYR A 50 -58.30 -6.24 -16.83
CA TYR A 50 -57.29 -6.46 -15.80
C TYR A 50 -57.89 -6.40 -14.42
N ASP A 51 -57.47 -7.29 -13.53
CA ASP A 51 -58.02 -7.35 -12.17
C ASP A 51 -57.35 -6.40 -11.22
N LEU A 52 -58.11 -5.44 -10.70
CA LEU A 52 -57.60 -4.47 -9.73
C LEU A 52 -58.13 -4.68 -8.31
N SER A 53 -58.66 -5.87 -8.03
CA SER A 53 -59.29 -6.19 -6.75
C SER A 53 -58.43 -6.01 -5.48
N PHE A 54 -57.12 -6.15 -5.60
CA PHE A 54 -56.24 -5.97 -4.45
C PHE A 54 -56.33 -4.55 -3.87
N LEU A 55 -56.81 -3.61 -4.69
CA LEU A 55 -56.94 -2.22 -4.28
C LEU A 55 -57.96 -2.09 -3.16
N LYS A 56 -58.79 -3.12 -3.00
CA LYS A 56 -59.78 -3.11 -1.93
C LYS A 56 -59.08 -2.94 -0.57
N THR A 57 -57.84 -3.42 -0.46
CA THR A 57 -57.12 -3.36 0.82
C THR A 57 -56.69 -1.96 1.32
N ILE A 58 -56.46 -1.03 0.39
CA ILE A 58 -55.99 0.32 0.73
C ILE A 58 -56.98 1.14 1.56
N GLN A 59 -56.46 1.80 2.60
CA GLN A 59 -57.27 2.62 3.52
C GLN A 59 -56.74 4.03 3.73
N GLU A 60 -55.50 4.26 3.30
CA GLU A 60 -54.85 5.55 3.45
C GLU A 60 -53.86 5.80 2.35
N VAL A 61 -53.83 7.03 1.88
CA VAL A 61 -52.82 7.44 0.94
C VAL A 61 -52.29 8.71 1.56
N ALA A 62 -51.04 8.67 2.01
CA ALA A 62 -50.44 9.80 2.69
C ALA A 62 -50.20 10.89 1.67
N GLY A 63 -49.79 10.50 0.47
CA GLY A 63 -49.49 11.46 -0.59
C GLY A 63 -50.70 11.79 -1.45
N TYR A 64 -50.59 11.66 -2.77
CA TYR A 64 -51.75 11.90 -3.61
C TYR A 64 -52.25 10.63 -4.30
N VAL A 65 -53.45 10.71 -4.88
CA VAL A 65 -54.01 9.61 -5.65
C VAL A 65 -54.19 10.09 -7.10
N LEU A 66 -53.50 9.48 -8.04
CA LEU A 66 -53.67 9.82 -9.45
C LEU A 66 -54.21 8.61 -10.19
N ILE A 67 -55.34 8.79 -10.86
CA ILE A 67 -56.00 7.73 -11.59
C ILE A 67 -56.15 8.21 -13.03
N ALA A 68 -55.21 7.82 -13.89
CA ALA A 68 -55.22 8.33 -15.26
C ALA A 68 -54.98 7.29 -16.35
N LEU A 69 -55.56 7.55 -17.52
CA LEU A 69 -55.39 6.72 -18.73
C LEU A 69 -55.74 5.24 -18.59
N ASN A 70 -56.76 4.95 -17.80
CA ASN A 70 -57.20 3.57 -17.63
C ASN A 70 -58.35 3.21 -18.55
N THR A 71 -58.43 1.94 -18.92
CA THR A 71 -59.50 1.45 -19.78
C THR A 71 -60.32 0.47 -18.98
N VAL A 72 -59.84 0.15 -17.78
CA VAL A 72 -60.54 -0.77 -16.91
C VAL A 72 -61.86 -0.13 -16.51
N GLU A 73 -62.91 -0.92 -16.50
CA GLU A 73 -64.22 -0.44 -16.14
C GLU A 73 -64.35 -0.10 -14.66
N ARG A 74 -63.68 -0.85 -13.81
CA ARG A 74 -63.88 -0.63 -12.39
C ARG A 74 -62.56 -0.56 -11.63
N ILE A 75 -62.46 0.42 -10.75
CA ILE A 75 -61.28 0.60 -9.91
C ILE A 75 -61.75 0.60 -8.45
N PRO A 76 -61.70 -0.57 -7.80
CA PRO A 76 -62.27 -0.84 -6.49
C PRO A 76 -61.49 -0.32 -5.31
N LEU A 77 -61.39 1.00 -5.19
CA LEU A 77 -60.78 1.63 -4.03
C LEU A 77 -61.83 1.79 -2.94
N GLU A 78 -62.53 0.69 -2.65
CA GLU A 78 -63.65 0.69 -1.72
C GLU A 78 -63.36 1.05 -0.27
N ASN A 79 -62.12 0.89 0.17
CA ASN A 79 -61.84 1.12 1.59
C ASN A 79 -60.92 2.29 1.90
N LEU A 80 -60.56 3.03 0.85
CA LEU A 80 -59.77 4.23 0.99
C LEU A 80 -60.56 5.26 1.77
N GLN A 81 -60.15 5.55 3.01
CA GLN A 81 -60.86 6.51 3.87
C GLN A 81 -60.33 7.92 3.76
N ILE A 82 -59.03 8.04 3.55
CA ILE A 82 -58.41 9.34 3.60
C ILE A 82 -57.24 9.45 2.64
N ILE A 83 -57.07 10.65 2.12
CA ILE A 83 -55.89 11.00 1.35
C ILE A 83 -55.32 12.21 2.07
N ARG A 84 -54.15 12.05 2.69
CA ARG A 84 -53.58 13.10 3.50
C ARG A 84 -53.02 14.23 2.66
N GLY A 85 -52.76 13.95 1.40
CA GLY A 85 -52.27 14.98 0.49
C GLY A 85 -51.00 15.65 0.95
N ASN A 86 -50.08 14.88 1.55
CA ASN A 86 -48.78 15.42 1.96
C ASN A 86 -47.98 15.78 0.73
N MET A 87 -48.49 15.40 -0.42
CA MET A 87 -47.87 15.74 -1.68
C MET A 87 -48.97 15.88 -2.72
N TYR A 88 -48.77 16.78 -3.67
CA TYR A 88 -49.77 17.06 -4.68
C TYR A 88 -49.26 16.44 -5.98
N TYR A 89 -50.09 16.47 -7.01
CA TYR A 89 -49.73 16.00 -8.34
C TYR A 89 -49.40 17.13 -9.32
N GLU A 90 -50.37 18.01 -9.54
CA GLU A 90 -50.20 19.20 -10.38
C GLU A 90 -50.99 20.25 -9.64
N ASN A 91 -50.42 21.45 -9.51
CA ASN A 91 -51.11 22.54 -8.84
C ASN A 91 -51.39 22.11 -7.41
N SER A 92 -52.65 22.10 -7.03
CA SER A 92 -53.02 21.74 -5.67
C SER A 92 -53.98 20.56 -5.59
N TYR A 93 -53.78 19.54 -6.43
CA TYR A 93 -54.72 18.42 -6.44
C TYR A 93 -54.14 17.27 -5.62
N ALA A 94 -54.95 16.74 -4.71
CA ALA A 94 -54.60 15.57 -3.91
C ALA A 94 -55.16 14.30 -4.53
N LEU A 95 -56.26 14.46 -5.26
CA LEU A 95 -56.90 13.39 -6.00
C LEU A 95 -57.10 13.91 -7.43
N ALA A 96 -56.55 13.21 -8.41
CA ALA A 96 -56.71 13.64 -9.79
C ALA A 96 -57.00 12.44 -10.66
N VAL A 97 -58.19 12.45 -11.25
CA VAL A 97 -58.68 11.36 -12.08
C VAL A 97 -58.84 11.93 -13.48
N LEU A 98 -57.93 11.54 -14.37
CA LEU A 98 -57.85 12.15 -15.69
C LEU A 98 -57.82 11.19 -16.85
N SER A 99 -58.52 11.57 -17.90
CA SER A 99 -58.47 10.90 -19.21
C SER A 99 -58.47 9.37 -19.19
N ASN A 100 -59.50 8.77 -18.61
CA ASN A 100 -59.60 7.32 -18.54
C ASN A 100 -60.47 6.80 -19.66
N TYR A 101 -59.91 6.89 -20.87
CA TYR A 101 -60.57 6.47 -22.10
C TYR A 101 -59.48 6.24 -23.14
N ASP A 102 -59.86 5.78 -24.32
CA ASP A 102 -58.88 5.56 -25.37
C ASP A 102 -59.55 5.65 -26.73
N ALA A 103 -58.76 5.48 -27.79
CA ALA A 103 -59.27 5.44 -29.16
C ALA A 103 -60.48 4.49 -29.26
N ASN A 104 -60.40 3.39 -28.52
CA ASN A 104 -61.42 2.34 -28.54
C ASN A 104 -62.75 2.74 -27.89
N LYS A 105 -62.87 4.00 -27.49
CA LYS A 105 -64.10 4.54 -26.90
C LYS A 105 -64.60 3.74 -25.71
N THR A 106 -63.70 3.10 -24.99
CA THR A 106 -64.05 2.37 -23.78
C THR A 106 -63.22 2.94 -22.65
N GLY A 107 -63.85 3.27 -21.52
CA GLY A 107 -63.11 3.84 -20.42
C GLY A 107 -63.55 3.45 -19.02
N LEU A 108 -62.99 4.14 -18.04
CA LEU A 108 -63.25 3.85 -16.63
C LEU A 108 -64.68 4.21 -16.28
N LYS A 109 -65.45 3.21 -15.89
CA LYS A 109 -66.86 3.42 -15.55
C LYS A 109 -67.07 3.60 -14.05
N GLU A 110 -66.59 2.66 -13.25
CA GLU A 110 -66.85 2.70 -11.81
C GLU A 110 -65.65 3.05 -10.94
N LEU A 111 -65.82 4.04 -10.06
CA LEU A 111 -64.77 4.44 -9.12
C LEU A 111 -65.41 4.56 -7.73
N PRO A 112 -65.75 3.39 -7.13
CA PRO A 112 -66.52 3.32 -5.89
C PRO A 112 -65.77 3.62 -4.60
N MET A 113 -65.34 4.86 -4.42
CA MET A 113 -64.61 5.24 -3.22
C MET A 113 -65.58 5.61 -2.11
N ARG A 114 -66.47 4.69 -1.80
CA ARG A 114 -67.53 4.87 -0.81
C ARG A 114 -67.05 5.16 0.60
N ASN A 115 -65.76 5.04 0.86
CA ASN A 115 -65.25 5.38 2.19
C ASN A 115 -64.31 6.58 2.26
N LEU A 116 -64.10 7.24 1.12
CA LEU A 116 -63.25 8.43 1.11
C LEU A 116 -64.05 9.56 1.70
N GLN A 117 -63.79 9.85 2.97
CA GLN A 117 -64.53 10.89 3.68
C GLN A 117 -63.69 12.10 4.00
N GLU A 118 -62.39 12.00 3.79
CA GLU A 118 -61.47 13.06 4.17
C GLU A 118 -60.30 13.25 3.23
N ILE A 119 -60.10 14.49 2.83
CA ILE A 119 -58.93 14.88 2.06
C ILE A 119 -58.30 16.03 2.85
N LEU A 120 -57.43 15.66 3.80
CA LEU A 120 -56.73 16.61 4.67
C LEU A 120 -56.23 17.84 3.92
N HIS A 121 -55.49 17.63 2.84
CA HIS A 121 -54.97 18.76 2.09
C HIS A 121 -55.09 18.56 0.57
N GLY A 122 -55.32 19.66 -0.12
CA GLY A 122 -55.40 19.65 -1.57
C GLY A 122 -56.81 19.61 -2.14
N ALA A 123 -56.87 19.90 -3.44
CA ALA A 123 -58.11 19.89 -4.20
C ALA A 123 -58.28 18.59 -4.98
N VAL A 124 -59.33 18.53 -5.79
CA VAL A 124 -59.65 17.34 -6.55
C VAL A 124 -59.84 17.72 -8.00
N ARG A 125 -59.20 17.00 -8.91
CA ARG A 125 -59.39 17.25 -10.34
C ARG A 125 -60.00 16.07 -11.06
N PHE A 126 -61.07 16.35 -11.81
CA PHE A 126 -61.72 15.35 -12.65
C PHE A 126 -61.84 15.93 -14.06
N SER A 127 -61.18 15.28 -15.03
CA SER A 127 -61.21 15.75 -16.41
C SER A 127 -61.30 14.59 -17.39
N ASN A 128 -62.08 14.79 -18.45
CA ASN A 128 -62.21 13.86 -19.56
C ASN A 128 -62.37 12.40 -19.18
N ASN A 129 -63.49 12.07 -18.54
CA ASN A 129 -63.81 10.68 -18.21
C ASN A 129 -65.17 10.32 -18.77
N PRO A 130 -65.23 10.03 -20.08
CA PRO A 130 -66.52 9.80 -20.76
C PRO A 130 -67.32 8.62 -20.26
N ALA A 131 -66.66 7.65 -19.64
CA ALA A 131 -67.36 6.45 -19.15
C ALA A 131 -67.68 6.49 -17.67
N LEU A 132 -67.11 7.46 -16.95
CA LEU A 132 -67.26 7.54 -15.49
C LEU A 132 -68.71 7.75 -15.07
N CYS A 133 -69.16 7.02 -14.06
CA CYS A 133 -70.53 7.16 -13.57
C CYS A 133 -70.64 7.58 -12.10
N ASN A 134 -71.76 8.23 -11.78
CA ASN A 134 -72.17 8.51 -10.40
C ASN A 134 -71.36 9.51 -9.58
N VAL A 135 -70.05 9.58 -9.78
CA VAL A 135 -69.18 10.47 -8.99
C VAL A 135 -69.68 11.93 -8.97
N GLU A 136 -70.32 12.36 -10.06
CA GLU A 136 -70.88 13.71 -10.14
C GLU A 136 -71.92 14.04 -9.05
N SER A 137 -72.57 13.02 -8.48
CA SER A 137 -73.54 13.25 -7.41
C SER A 137 -72.88 13.68 -6.10
N ILE A 138 -71.66 13.18 -5.86
CA ILE A 138 -70.89 13.43 -4.64
C ILE A 138 -70.80 14.88 -4.17
N GLN A 139 -71.03 15.11 -2.87
CA GLN A 139 -70.91 16.43 -2.28
C GLN A 139 -69.52 16.63 -1.67
N TRP A 140 -68.55 17.03 -2.50
CA TRP A 140 -67.17 17.19 -2.04
C TRP A 140 -66.97 18.14 -0.87
N ARG A 141 -67.96 18.96 -0.57
CA ARG A 141 -67.91 19.86 0.57
C ARG A 141 -67.69 19.09 1.85
N ASP A 142 -68.22 17.87 1.91
CA ASP A 142 -68.02 17.03 3.06
C ASP A 142 -66.62 16.42 3.09
N ILE A 143 -66.02 16.27 1.91
CA ILE A 143 -64.74 15.62 1.81
C ILE A 143 -63.57 16.59 1.96
N VAL A 144 -63.61 17.66 1.16
CA VAL A 144 -62.49 18.59 1.03
C VAL A 144 -62.53 19.80 1.98
N SER A 145 -61.35 20.22 2.45
CA SER A 145 -61.21 21.41 3.29
C SER A 145 -61.52 22.69 2.52
N SER A 146 -62.43 23.48 3.09
CA SER A 146 -62.91 24.73 2.50
C SER A 146 -61.85 25.59 1.83
N ASP A 147 -60.63 25.53 2.35
CA ASP A 147 -59.50 26.30 1.82
C ASP A 147 -59.16 25.94 0.38
N PHE A 148 -59.54 24.73 -0.04
CA PHE A 148 -59.19 24.23 -1.38
C PHE A 148 -60.34 24.19 -2.38
N LEU A 149 -61.56 24.39 -1.90
CA LEU A 149 -62.76 24.41 -2.74
C LEU A 149 -62.63 25.33 -3.95
N SER A 150 -61.87 26.39 -3.78
CA SER A 150 -61.59 27.34 -4.87
C SER A 150 -60.70 26.83 -6.01
N ASN A 151 -59.74 25.96 -5.69
CA ASN A 151 -58.78 25.47 -6.69
C ASN A 151 -59.24 24.18 -7.39
N MET A 152 -60.47 23.75 -7.08
CA MET A 152 -61.11 22.55 -7.63
C MET A 152 -61.33 22.57 -9.14
N SER A 153 -61.27 21.39 -9.76
CA SER A 153 -61.50 21.27 -11.21
C SER A 153 -62.35 20.04 -11.54
N MET A 154 -63.67 20.19 -11.51
CA MET A 154 -64.56 19.06 -11.76
C MET A 154 -65.34 19.24 -13.04
N ASP A 155 -65.05 18.40 -14.01
CA ASP A 155 -65.77 18.41 -15.27
C ASP A 155 -66.32 17.00 -15.49
N PHE A 156 -67.63 16.89 -15.63
CA PHE A 156 -68.27 15.60 -15.85
C PHE A 156 -69.13 15.64 -17.09
N GLN A 157 -69.04 14.57 -17.88
CA GLN A 157 -69.77 14.44 -19.15
C GLN A 157 -69.76 12.98 -19.55
N ASN A 158 -70.89 12.31 -19.33
CA ASN A 158 -71.08 10.92 -19.70
C ASN A 158 -71.50 10.79 -21.14
N HIS A 159 -70.74 10.04 -21.93
CA HIS A 159 -71.03 9.89 -23.34
C HIS A 159 -70.70 8.50 -23.88
N LEU A 160 -70.16 7.63 -23.01
CA LEU A 160 -69.91 6.26 -23.41
C LEU A 160 -71.01 5.28 -23.00
N GLY A 161 -71.80 5.64 -21.99
CA GLY A 161 -72.89 4.78 -21.59
C GLY A 161 -73.83 5.31 -20.52
N SER A 162 -74.90 4.57 -20.27
CA SER A 162 -75.91 4.97 -19.29
C SER A 162 -75.41 4.55 -17.91
N CYS A 163 -75.81 5.27 -16.89
CA CYS A 163 -75.34 4.99 -15.54
C CYS A 163 -76.43 4.53 -14.61
N GLN A 164 -76.07 3.59 -13.74
CA GLN A 164 -76.97 3.11 -12.70
C GLN A 164 -77.33 4.28 -11.80
N LYS A 165 -78.56 4.32 -11.31
CA LYS A 165 -79.01 5.42 -10.46
C LYS A 165 -78.71 5.18 -8.98
N CYS A 166 -78.72 6.26 -8.19
CA CYS A 166 -78.47 6.15 -6.76
C CYS A 166 -79.65 5.63 -5.95
N ASP A 167 -79.33 5.03 -4.81
CA ASP A 167 -80.34 4.54 -3.87
C ASP A 167 -81.13 5.69 -3.27
N PRO A 168 -82.43 5.49 -2.99
CA PRO A 168 -83.22 6.54 -2.35
C PRO A 168 -82.61 6.94 -0.98
N SER A 169 -81.97 5.97 -0.31
CA SER A 169 -81.35 6.20 1.00
C SER A 169 -80.16 7.14 1.00
N CYS A 170 -79.67 7.50 -0.18
CA CYS A 170 -78.51 8.40 -0.25
C CYS A 170 -78.94 9.83 0.04
N PRO A 171 -78.08 10.59 0.72
CA PRO A 171 -78.43 11.97 1.04
C PRO A 171 -78.30 12.87 -0.19
N ASN A 172 -79.38 13.56 -0.53
CA ASN A 172 -79.42 14.43 -1.70
C ASN A 172 -79.07 13.69 -3.00
N GLY A 173 -79.21 12.37 -2.95
CA GLY A 173 -78.94 11.51 -4.09
C GLY A 173 -77.47 11.38 -4.43
N SER A 174 -76.62 11.61 -3.43
CA SER A 174 -75.16 11.56 -3.61
C SER A 174 -74.63 10.16 -3.30
N CYS A 175 -74.04 9.53 -4.30
CA CYS A 175 -73.50 8.18 -4.13
C CYS A 175 -72.25 7.95 -4.98
N TRP A 176 -71.53 6.86 -4.72
CA TRP A 176 -70.32 6.56 -5.48
C TRP A 176 -70.57 5.48 -6.54
N GLY A 177 -71.76 4.88 -6.50
CA GLY A 177 -72.12 3.81 -7.40
C GLY A 177 -73.45 3.20 -6.99
N ALA A 178 -73.80 2.09 -7.62
CA ALA A 178 -75.06 1.40 -7.33
C ALA A 178 -75.10 0.72 -5.96
N GLY A 179 -76.29 0.62 -5.39
CA GLY A 179 -76.48 -0.01 -4.10
C GLY A 179 -76.52 0.98 -2.97
N GLU A 180 -77.09 0.57 -1.84
CA GLU A 180 -77.20 1.43 -0.68
C GLU A 180 -75.88 1.48 0.09
N GLU A 181 -75.01 0.50 -0.15
CA GLU A 181 -73.68 0.48 0.46
C GLU A 181 -72.72 1.54 -0.14
N ASN A 182 -73.01 1.98 -1.36
CA ASN A 182 -72.17 2.98 -2.02
C ASN A 182 -72.68 4.40 -1.81
N CYS A 183 -73.58 4.59 -0.87
CA CYS A 183 -74.08 5.94 -0.59
C CYS A 183 -73.00 6.71 0.11
N GLN A 184 -72.99 8.01 -0.12
CA GLN A 184 -72.03 8.89 0.52
C GLN A 184 -72.40 9.07 1.98
N LYS A 185 -71.44 8.80 2.87
CA LYS A 185 -71.64 9.05 4.27
C LYS A 185 -71.23 10.48 4.58
N LEU A 186 -72.14 11.28 5.12
CA LEU A 186 -71.79 12.66 5.37
C LEU A 186 -71.43 12.82 6.85
N THR A 187 -70.31 13.47 7.12
CA THR A 187 -69.79 13.63 8.47
C THR A 187 -69.21 15.02 8.72
N LYS A 188 -69.60 15.98 7.90
CA LYS A 188 -69.09 17.35 8.02
C LYS A 188 -70.20 18.38 7.76
N ILE A 189 -70.78 18.32 6.58
CA ILE A 189 -71.86 19.23 6.20
C ILE A 189 -73.14 19.12 7.07
N ILE A 190 -73.43 17.92 7.59
CA ILE A 190 -74.63 17.71 8.41
C ILE A 190 -74.44 17.92 9.92
N CYS A 191 -73.24 18.27 10.35
CA CYS A 191 -72.94 18.42 11.76
C CYS A 191 -73.62 19.63 12.39
N ALA A 192 -73.77 19.61 13.71
CA ALA A 192 -74.30 20.75 14.45
C ALA A 192 -73.28 21.89 14.49
N GLN A 193 -73.77 23.12 14.60
CA GLN A 193 -72.88 24.29 14.66
C GLN A 193 -71.87 24.17 15.79
N GLN A 194 -72.27 23.55 16.89
CA GLN A 194 -71.39 23.33 18.04
C GLN A 194 -70.16 22.51 17.68
N CYS A 195 -70.31 21.59 16.73
CA CYS A 195 -69.25 20.68 16.35
C CYS A 195 -68.04 21.39 15.74
N SER A 196 -66.86 21.04 16.26
CA SER A 196 -65.60 21.62 15.79
C SER A 196 -65.22 21.06 14.42
N GLY A 197 -65.37 19.75 14.27
CA GLY A 197 -65.05 19.08 13.03
C GLY A 197 -66.06 18.04 12.57
N ARG A 198 -65.65 16.77 12.60
CA ARG A 198 -66.49 15.67 12.15
C ARG A 198 -67.55 15.28 13.17
N CYS A 199 -68.43 14.37 12.76
CA CYS A 199 -69.53 13.90 13.59
C CYS A 199 -70.07 12.57 13.10
N ARG A 200 -70.67 11.80 14.00
CA ARG A 200 -71.28 10.53 13.64
C ARG A 200 -72.80 10.63 13.60
N GLY A 201 -73.29 11.87 13.53
CA GLY A 201 -74.71 12.14 13.52
C GLY A 201 -75.00 13.62 13.70
N LYS A 202 -76.24 14.01 13.45
CA LYS A 202 -76.67 15.40 13.50
C LYS A 202 -76.75 15.97 14.92
N SER A 203 -77.02 15.10 15.89
CA SER A 203 -77.21 15.50 17.30
C SER A 203 -75.93 16.02 17.98
N PRO A 204 -76.10 16.80 19.07
CA PRO A 204 -74.93 17.33 19.79
C PRO A 204 -74.14 16.24 20.52
N SER A 205 -74.81 15.23 21.06
CA SER A 205 -74.13 14.10 21.71
C SER A 205 -73.21 13.39 20.73
N ASP A 206 -73.72 13.14 19.54
CA ASP A 206 -72.98 12.54 18.43
C ASP A 206 -72.01 13.54 17.82
N CYS A 207 -70.81 13.64 18.39
CA CYS A 207 -69.83 14.63 17.97
C CYS A 207 -68.41 14.09 18.16
N CYS A 208 -67.54 14.35 17.17
CA CYS A 208 -66.19 13.78 17.19
C CYS A 208 -65.14 14.67 17.84
N HIS A 209 -64.15 13.99 18.43
CA HIS A 209 -63.00 14.63 19.05
C HIS A 209 -62.21 15.35 17.94
N ASN A 210 -61.82 16.59 18.21
CA ASN A 210 -61.09 17.45 17.25
C ASN A 210 -59.95 16.76 16.46
N GLN A 211 -59.31 15.76 17.07
CA GLN A 211 -58.17 15.07 16.45
C GLN A 211 -58.61 14.06 15.39
N CYS A 212 -59.92 13.95 15.18
CA CYS A 212 -60.48 13.03 14.19
C CYS A 212 -60.56 13.50 12.73
N ALA A 213 -60.36 12.55 11.84
CA ALA A 213 -60.52 12.74 10.41
C ALA A 213 -61.52 11.71 9.90
N ALA A 214 -62.28 12.08 8.89
CA ALA A 214 -63.27 11.20 8.23
C ALA A 214 -64.47 10.92 9.13
N GLY A 215 -64.27 10.34 10.30
CA GLY A 215 -65.37 10.11 11.22
C GLY A 215 -65.01 9.49 12.55
N CYS A 216 -66.04 9.07 13.27
CA CYS A 216 -65.85 8.45 14.58
C CYS A 216 -67.00 7.53 15.02
N THR A 217 -66.74 6.72 16.04
CA THR A 217 -67.73 5.84 16.66
C THR A 217 -68.20 6.44 17.99
N GLY A 218 -67.35 7.26 18.59
CA GLY A 218 -67.64 7.90 19.86
C GLY A 218 -67.01 9.27 19.92
N PRO A 219 -67.06 9.94 21.09
CA PRO A 219 -66.54 11.30 21.24
C PRO A 219 -65.13 11.40 21.85
N ARG A 220 -64.39 10.31 21.97
CA ARG A 220 -63.04 10.34 22.53
C ARG A 220 -61.98 10.49 21.43
N GLU A 221 -60.77 10.86 21.82
CA GLU A 221 -59.67 10.98 20.86
C GLU A 221 -59.13 9.60 20.47
N SER A 222 -59.77 8.55 20.98
CA SER A 222 -59.40 7.18 20.67
C SER A 222 -60.42 6.52 19.75
N ASP A 223 -61.47 7.27 19.42
CA ASP A 223 -62.58 6.74 18.61
C ASP A 223 -62.61 7.33 17.21
N CYS A 224 -61.52 7.96 16.78
CA CYS A 224 -61.49 8.49 15.43
C CYS A 224 -61.37 7.36 14.44
N LEU A 225 -61.90 7.54 13.24
CA LEU A 225 -61.72 6.54 12.19
C LEU A 225 -60.30 6.64 11.67
N VAL A 226 -59.84 7.88 11.50
CA VAL A 226 -58.50 8.16 11.01
C VAL A 226 -58.03 9.39 11.78
N CYS A 227 -56.74 9.45 12.10
CA CYS A 227 -56.18 10.57 12.83
C CYS A 227 -55.70 11.69 11.94
N ARG A 228 -56.25 12.88 12.19
CA ARG A 228 -55.93 14.10 11.48
C ARG A 228 -54.42 14.33 11.50
N LYS A 229 -53.76 13.90 12.58
CA LYS A 229 -52.32 14.15 12.65
C LYS A 229 -51.48 12.90 12.96
N PHE A 230 -51.47 12.43 14.21
CA PHE A 230 -50.83 11.15 14.51
C PHE A 230 -51.67 10.17 15.33
N ARG A 231 -51.43 8.88 15.13
CA ARG A 231 -52.09 7.84 15.92
C ARG A 231 -51.08 7.07 16.76
N ASP A 232 -51.22 7.19 18.08
CA ASP A 232 -50.39 6.46 19.05
C ASP A 232 -51.23 5.37 19.70
N GLU A 233 -50.96 4.14 19.29
CA GLU A 233 -51.75 2.98 19.69
C GLU A 233 -53.22 3.20 19.34
N ALA A 234 -54.00 3.63 20.31
CA ALA A 234 -55.42 3.85 20.10
C ALA A 234 -55.78 5.33 20.19
N THR A 235 -54.96 6.12 20.88
CA THR A 235 -55.28 7.54 21.01
C THR A 235 -54.73 8.35 19.84
N CYS A 236 -55.44 9.41 19.45
CA CYS A 236 -54.96 10.34 18.44
C CYS A 236 -54.27 11.53 19.10
N LYS A 237 -53.03 11.77 18.68
CA LYS A 237 -52.18 12.81 19.25
C LYS A 237 -51.64 13.80 18.22
N ASP A 238 -51.33 15.01 18.71
CA ASP A 238 -50.77 16.08 17.89
C ASP A 238 -49.41 15.72 17.34
N THR A 239 -48.58 15.12 18.17
CA THR A 239 -47.24 14.70 17.76
C THR A 239 -46.81 13.57 18.66
N CYS A 240 -46.10 12.60 18.07
CA CYS A 240 -45.56 11.46 18.79
C CYS A 240 -44.89 11.96 20.06
N PRO A 241 -45.18 11.31 21.20
CA PRO A 241 -44.49 11.70 22.43
C PRO A 241 -42.98 11.74 22.21
N PRO A 242 -42.37 12.90 22.49
CA PRO A 242 -40.95 13.17 22.24
C PRO A 242 -40.03 12.16 22.90
N LEU A 243 -38.89 11.91 22.28
CA LEU A 243 -37.93 10.95 22.83
C LEU A 243 -37.23 11.51 24.04
N MET A 244 -37.03 12.83 24.07
CA MET A 244 -36.39 13.46 25.21
C MET A 244 -37.34 14.43 25.90
N LEU A 245 -37.28 14.47 27.22
CA LEU A 245 -38.07 15.40 28.01
C LEU A 245 -37.21 16.08 29.03
N TYR A 246 -37.60 17.26 29.46
CA TYR A 246 -36.79 17.94 30.46
C TYR A 246 -37.25 17.42 31.81
N ASN A 247 -36.30 16.86 32.54
CA ASN A 247 -36.56 16.35 33.87
C ASN A 247 -36.15 17.38 34.91
N PRO A 248 -37.13 18.00 35.58
CA PRO A 248 -36.87 19.09 36.54
C PRO A 248 -35.93 18.66 37.67
N THR A 249 -35.95 17.37 37.99
CA THR A 249 -35.10 16.78 39.04
C THR A 249 -33.60 16.75 38.67
N THR A 250 -33.26 16.18 37.52
CA THR A 250 -31.86 16.05 37.12
C THR A 250 -31.33 17.29 36.40
N TYR A 251 -32.23 18.16 35.95
CA TYR A 251 -31.89 19.38 35.20
C TYR A 251 -31.29 19.18 33.80
N GLN A 252 -31.30 17.93 33.31
CA GLN A 252 -30.79 17.67 31.97
C GLN A 252 -31.89 16.99 31.18
N MET A 253 -31.69 16.82 29.88
CA MET A 253 -32.72 16.16 29.06
C MET A 253 -32.63 14.66 29.20
N ASP A 254 -33.70 14.05 29.70
CA ASP A 254 -33.69 12.61 29.91
C ASP A 254 -34.55 11.91 28.88
N VAL A 255 -34.29 10.61 28.72
CA VAL A 255 -35.06 9.81 27.81
C VAL A 255 -36.46 9.60 28.35
N ASN A 256 -37.45 10.02 27.57
CA ASN A 256 -38.82 9.91 28.00
C ASN A 256 -39.20 8.44 27.95
N PRO A 257 -39.57 7.86 29.10
CA PRO A 257 -39.97 6.45 29.22
C PRO A 257 -41.17 6.14 28.33
N GLU A 258 -41.97 7.14 28.05
CA GLU A 258 -43.15 6.99 27.22
C GLU A 258 -42.88 7.45 25.79
N GLY A 259 -41.61 7.48 25.41
CA GLY A 259 -41.19 7.96 24.10
C GLY A 259 -41.60 7.12 22.89
N LYS A 260 -41.95 7.81 21.82
CA LYS A 260 -42.43 7.18 20.58
C LYS A 260 -41.77 7.75 19.30
N TYR A 261 -41.39 6.87 18.39
CA TYR A 261 -40.84 7.26 17.08
C TYR A 261 -41.99 7.57 16.13
N SER A 262 -41.72 8.39 15.12
CA SER A 262 -42.74 8.64 14.10
C SER A 262 -42.51 7.77 12.88
N PHE A 263 -43.60 7.23 12.34
CA PHE A 263 -43.55 6.40 11.14
C PHE A 263 -44.82 6.68 10.35
N GLY A 264 -44.70 7.45 9.27
CA GLY A 264 -45.87 7.90 8.56
C GLY A 264 -46.68 8.79 9.49
N ALA A 265 -47.97 8.49 9.63
CA ALA A 265 -48.80 9.22 10.57
C ALA A 265 -48.98 8.43 11.86
N THR A 266 -48.16 7.39 12.01
CA THR A 266 -48.19 6.52 13.18
C THR A 266 -47.08 6.86 14.17
N CYS A 267 -47.28 6.44 15.41
CA CYS A 267 -46.32 6.65 16.50
C CYS A 267 -45.95 5.25 17.02
N VAL A 268 -44.83 4.72 16.56
CA VAL A 268 -44.39 3.39 16.99
C VAL A 268 -43.39 3.40 18.13
N LYS A 269 -43.36 2.31 18.90
CA LYS A 269 -42.40 2.17 20.00
C LYS A 269 -41.09 1.57 19.50
N LYS A 270 -41.15 0.96 18.33
CA LYS A 270 -39.97 0.41 17.69
C LYS A 270 -40.21 0.38 16.19
N CYS A 271 -39.24 0.86 15.41
CA CYS A 271 -39.38 0.89 13.97
C CYS A 271 -39.62 -0.49 13.39
N PRO A 272 -40.37 -0.55 12.29
CA PRO A 272 -40.63 -1.82 11.60
C PRO A 272 -39.34 -2.37 11.03
N ARG A 273 -39.32 -3.66 10.71
CA ARG A 273 -38.14 -4.31 10.16
C ARG A 273 -37.52 -3.56 9.00
N ASN A 274 -36.19 -3.50 9.03
CA ASN A 274 -35.36 -2.88 8.00
C ASN A 274 -35.42 -1.36 8.01
N TYR A 275 -36.09 -0.79 9.02
CA TYR A 275 -36.17 0.65 9.11
C TYR A 275 -35.17 1.17 10.13
N VAL A 276 -34.54 2.29 9.83
CA VAL A 276 -33.55 2.85 10.72
C VAL A 276 -34.06 4.15 11.30
N VAL A 277 -33.77 4.43 12.56
CA VAL A 277 -34.23 5.66 13.17
C VAL A 277 -33.24 6.76 12.85
N THR A 278 -33.75 7.90 12.41
CA THR A 278 -32.92 9.04 12.08
C THR A 278 -32.56 9.84 13.31
N ASP A 279 -31.73 10.86 13.10
CA ASP A 279 -31.29 11.73 14.19
C ASP A 279 -32.40 12.66 14.69
N HIS A 280 -33.62 12.47 14.20
CA HIS A 280 -34.73 13.33 14.63
C HIS A 280 -36.01 12.55 14.95
N GLY A 281 -35.89 11.23 15.07
CA GLY A 281 -37.01 10.38 15.45
C GLY A 281 -37.89 9.79 14.37
N SER A 282 -37.54 10.00 13.11
CA SER A 282 -38.36 9.49 12.01
C SER A 282 -37.80 8.17 11.51
N CYS A 283 -38.68 7.30 11.00
CA CYS A 283 -38.28 6.01 10.44
C CYS A 283 -38.06 6.07 8.93
N VAL A 284 -36.88 5.64 8.50
CA VAL A 284 -36.45 5.73 7.11
C VAL A 284 -35.84 4.41 6.68
N ARG A 285 -36.01 4.08 5.40
CA ARG A 285 -35.51 2.83 4.87
C ARG A 285 -33.99 2.70 5.00
N ALA A 286 -33.26 3.80 4.83
CA ALA A 286 -31.81 3.73 4.94
C ALA A 286 -31.17 5.05 5.36
N CYS A 287 -30.06 4.93 6.07
CA CYS A 287 -29.30 6.08 6.55
C CYS A 287 -28.74 6.94 5.44
N GLY A 288 -28.48 8.20 5.77
CA GLY A 288 -27.93 9.16 4.84
C GLY A 288 -26.50 8.87 4.44
N ALA A 289 -25.91 9.85 3.76
CA ALA A 289 -24.54 9.76 3.27
C ALA A 289 -23.56 10.04 4.40
N ASP A 290 -23.93 10.99 5.24
CA ASP A 290 -23.09 11.39 6.36
C ASP A 290 -23.31 10.54 7.60
N SER A 291 -23.89 9.35 7.44
CA SER A 291 -24.21 8.55 8.61
C SER A 291 -24.11 7.04 8.40
N TYR A 292 -23.81 6.35 9.50
CA TYR A 292 -23.72 4.92 9.53
C TYR A 292 -24.83 4.35 10.40
N GLU A 293 -25.07 3.05 10.24
CA GLU A 293 -26.11 2.39 10.98
C GLU A 293 -25.51 1.69 12.17
N MET A 294 -26.27 1.63 13.24
CA MET A 294 -25.81 0.98 14.46
C MET A 294 -27.01 0.48 15.22
N GLU A 295 -26.76 -0.22 16.32
CA GLU A 295 -27.84 -0.81 17.10
C GLU A 295 -27.78 -0.34 18.53
N GLU A 296 -28.89 0.23 19.00
CA GLU A 296 -28.93 0.69 20.38
C GLU A 296 -30.24 0.27 21.03
N ASP A 297 -30.13 -0.45 22.14
CA ASP A 297 -31.29 -0.93 22.87
C ASP A 297 -32.23 -1.72 21.97
N GLY A 298 -31.64 -2.51 21.07
CA GLY A 298 -32.40 -3.34 20.13
C GLY A 298 -32.97 -2.60 18.94
N VAL A 299 -33.03 -1.27 19.00
CA VAL A 299 -33.54 -0.49 17.87
C VAL A 299 -32.38 0.11 17.07
N ARG A 300 -32.38 -0.17 15.77
CA ARG A 300 -31.37 0.36 14.86
C ARG A 300 -31.49 1.87 14.68
N LYS A 301 -30.34 2.55 14.71
CA LYS A 301 -30.31 4.01 14.65
C LYS A 301 -29.23 4.50 13.71
N CYS A 302 -29.45 5.71 13.18
CA CYS A 302 -28.49 6.37 12.31
C CYS A 302 -27.64 7.31 13.13
N LYS A 303 -26.34 7.21 12.97
CA LYS A 303 -25.42 8.09 13.67
C LYS A 303 -24.48 8.73 12.66
N LYS A 304 -24.34 10.04 12.69
CA LYS A 304 -23.42 10.72 11.77
C LYS A 304 -22.00 10.20 11.95
N CYS A 305 -21.33 9.91 10.83
CA CYS A 305 -19.99 9.35 10.85
C CYS A 305 -18.98 10.32 11.43
N GLU A 306 -18.11 9.82 12.30
CA GLU A 306 -17.12 10.67 12.94
C GLU A 306 -16.17 11.23 11.89
N GLY A 307 -15.48 10.35 11.17
CA GLY A 307 -14.64 10.82 10.08
C GLY A 307 -15.39 10.57 8.79
N PRO A 308 -14.69 10.07 7.76
CA PRO A 308 -15.39 9.66 6.55
C PRO A 308 -16.04 8.30 6.78
N CYS A 309 -17.21 8.09 6.20
CA CYS A 309 -17.94 6.83 6.39
C CYS A 309 -17.19 5.64 5.83
N ARG A 310 -17.17 4.56 6.60
CA ARG A 310 -16.51 3.34 6.17
C ARG A 310 -16.94 2.91 4.78
N LYS A 311 -15.99 2.86 3.86
CA LYS A 311 -16.19 2.42 2.48
C LYS A 311 -15.09 1.45 2.11
N VAL A 312 -15.44 0.18 1.95
CA VAL A 312 -14.44 -0.82 1.53
C VAL A 312 -14.43 -1.12 0.01
N CYS A 313 -13.23 -1.15 -0.59
CA CYS A 313 -13.10 -1.47 -2.02
C CYS A 313 -12.07 -2.52 -2.31
N ASN A 314 -12.19 -3.18 -3.45
CA ASN A 314 -11.30 -4.28 -3.81
C ASN A 314 -9.86 -3.80 -3.90
N GLY A 315 -8.93 -4.74 -3.78
CA GLY A 315 -7.52 -4.43 -3.85
C GLY A 315 -7.05 -4.59 -5.28
N ILE A 316 -5.76 -4.37 -5.49
CA ILE A 316 -5.20 -4.48 -6.81
C ILE A 316 -5.20 -5.93 -7.29
N GLY A 317 -5.86 -6.14 -8.42
CA GLY A 317 -5.99 -7.44 -9.06
C GLY A 317 -7.34 -8.05 -8.79
N ILE A 318 -8.09 -7.40 -7.91
CA ILE A 318 -9.42 -7.83 -7.53
C ILE A 318 -10.45 -6.84 -8.08
N GLY A 319 -11.68 -7.31 -8.29
CA GLY A 319 -12.74 -6.48 -8.85
C GLY A 319 -12.43 -5.75 -10.14
N GLU A 320 -12.78 -4.47 -10.17
CA GLU A 320 -12.52 -3.62 -11.32
C GLU A 320 -11.05 -3.60 -11.65
N PHE A 321 -10.23 -3.65 -10.61
CA PHE A 321 -8.79 -3.67 -10.74
C PHE A 321 -8.23 -5.05 -11.09
N LYS A 322 -9.08 -5.97 -11.52
CA LYS A 322 -8.57 -7.27 -11.92
C LYS A 322 -7.67 -7.09 -13.13
N ASP A 323 -6.56 -7.83 -13.11
CA ASP A 323 -5.53 -7.82 -14.14
C ASP A 323 -4.73 -6.51 -14.24
N SER A 324 -5.06 -5.52 -13.40
CA SER A 324 -4.29 -4.28 -13.37
C SER A 324 -3.07 -4.47 -12.47
N LEU A 325 -1.93 -4.00 -12.95
CA LEU A 325 -0.67 -4.19 -12.26
C LEU A 325 -0.34 -3.28 -11.08
N SER A 326 -0.97 -2.11 -11.04
CA SER A 326 -0.64 -1.13 -10.01
C SER A 326 -1.74 -0.12 -9.87
N ILE A 327 -1.68 0.65 -8.81
CA ILE A 327 -2.53 1.81 -8.72
C ILE A 327 -1.97 2.70 -9.77
N ASN A 328 -2.79 3.09 -10.73
CA ASN A 328 -2.29 3.86 -11.87
C ASN A 328 -3.29 4.94 -12.24
N ALA A 329 -2.93 5.77 -13.21
CA ALA A 329 -3.76 6.91 -13.62
C ALA A 329 -5.23 6.57 -13.86
N THR A 330 -5.51 5.38 -14.39
CA THR A 330 -6.90 5.03 -14.68
C THR A 330 -7.66 4.66 -13.41
N ASN A 331 -7.23 3.61 -12.73
CA ASN A 331 -7.91 3.11 -11.53
C ASN A 331 -7.94 4.00 -10.28
N ILE A 332 -6.94 4.85 -10.07
CA ILE A 332 -6.92 5.73 -8.87
C ILE A 332 -8.24 6.45 -8.59
N LYS A 333 -9.00 6.74 -9.64
CA LYS A 333 -10.28 7.44 -9.51
C LYS A 333 -11.24 6.67 -8.60
N HIS A 334 -11.24 5.35 -8.76
CA HIS A 334 -12.11 4.48 -8.00
C HIS A 334 -11.76 4.37 -6.51
N PHE A 335 -10.58 4.83 -6.10
CA PHE A 335 -10.28 4.73 -4.67
C PHE A 335 -10.83 5.88 -3.84
N LYS A 336 -11.58 6.78 -4.48
CA LYS A 336 -12.10 7.95 -3.77
C LYS A 336 -13.01 7.53 -2.62
N ASN A 337 -12.78 8.16 -1.47
CA ASN A 337 -13.52 7.88 -0.24
C ASN A 337 -13.39 6.46 0.32
N CYS A 338 -12.35 5.75 -0.08
CA CYS A 338 -12.14 4.40 0.41
C CYS A 338 -11.47 4.37 1.77
N THR A 339 -12.06 3.64 2.73
CA THR A 339 -11.48 3.62 4.08
C THR A 339 -10.79 2.29 4.34
N SER A 340 -11.27 1.23 3.71
CA SER A 340 -10.68 -0.08 3.90
C SER A 340 -10.40 -0.69 2.53
N ILE A 341 -9.21 -1.26 2.35
CA ILE A 341 -8.90 -1.90 1.08
C ILE A 341 -8.93 -3.39 1.24
N SER A 342 -9.88 -4.03 0.57
CA SER A 342 -10.03 -5.46 0.70
C SER A 342 -9.10 -6.15 -0.26
N GLY A 343 -7.88 -6.37 0.19
CA GLY A 343 -6.83 -6.94 -0.63
C GLY A 343 -5.60 -6.05 -0.63
N ASP A 344 -4.72 -6.27 -1.60
CA ASP A 344 -3.44 -5.58 -1.70
C ASP A 344 -3.45 -4.22 -2.41
N LEU A 345 -2.39 -3.44 -2.15
CA LEU A 345 -2.13 -2.17 -2.81
C LEU A 345 -0.73 -2.23 -3.38
N HIS A 346 -0.63 -2.03 -4.70
CA HIS A 346 0.64 -1.99 -5.41
C HIS A 346 0.85 -0.60 -5.94
N ILE A 347 2.02 -0.05 -5.69
CA ILE A 347 2.43 1.22 -6.25
C ILE A 347 3.78 0.99 -6.90
N LEU A 348 3.75 0.85 -8.22
CA LEU A 348 4.93 0.50 -8.99
C LEU A 348 5.42 1.61 -9.92
N PRO A 349 6.68 1.54 -10.33
CA PRO A 349 7.25 2.51 -11.27
C PRO A 349 6.43 2.67 -12.54
N VAL A 350 5.82 1.58 -12.97
CA VAL A 350 5.00 1.63 -14.16
C VAL A 350 3.88 2.65 -14.02
N ALA A 351 3.52 3.01 -12.80
CA ALA A 351 2.44 3.96 -12.57
C ALA A 351 2.85 5.35 -12.98
N PHE A 352 4.05 5.71 -12.54
CA PHE A 352 4.63 7.02 -12.78
C PHE A 352 5.22 7.20 -14.17
N ARG A 353 5.63 6.08 -14.81
CA ARG A 353 6.20 6.16 -16.15
C ARG A 353 5.10 6.18 -17.18
N GLY A 354 3.99 5.58 -16.83
CA GLY A 354 2.90 5.43 -17.76
C GLY A 354 3.20 4.09 -18.42
N ASP A 355 2.19 3.48 -19.02
CA ASP A 355 2.40 2.19 -19.65
C ASP A 355 1.68 2.07 -20.98
N SER A 356 2.49 1.95 -22.03
CA SER A 356 2.01 1.79 -23.39
C SER A 356 1.15 0.53 -23.53
N PHE A 357 1.73 -0.59 -23.12
CA PHE A 357 1.08 -1.88 -23.22
C PHE A 357 -0.37 -1.93 -22.70
N THR A 358 -0.67 -1.19 -21.64
CA THR A 358 -2.02 -1.21 -21.07
C THR A 358 -2.77 0.06 -21.45
N HIS A 359 -2.08 0.87 -22.25
CA HIS A 359 -2.58 2.14 -22.77
C HIS A 359 -2.91 3.12 -21.65
N THR A 360 -2.19 3.00 -20.55
CA THR A 360 -2.39 3.85 -19.37
C THR A 360 -1.33 4.94 -19.25
N PRO A 361 -1.78 6.19 -19.23
CA PRO A 361 -0.89 7.36 -19.13
C PRO A 361 -0.23 7.51 -17.76
N PRO A 362 0.84 8.33 -17.68
CA PRO A 362 1.52 8.56 -16.40
C PRO A 362 0.57 9.09 -15.34
N LEU A 363 0.84 8.72 -14.09
CA LEU A 363 0.06 9.16 -12.95
C LEU A 363 0.50 10.50 -12.42
N ASP A 364 -0.44 11.43 -12.21
CA ASP A 364 -0.10 12.72 -11.61
C ASP A 364 -0.03 12.44 -10.13
N PRO A 365 1.19 12.48 -9.58
CA PRO A 365 1.46 12.18 -8.17
C PRO A 365 0.49 12.81 -7.16
N GLN A 366 -0.08 13.95 -7.50
CA GLN A 366 -1.05 14.62 -6.63
C GLN A 366 -2.25 13.74 -6.34
N GLU A 367 -2.63 12.94 -7.34
CA GLU A 367 -3.74 12.04 -7.24
C GLU A 367 -3.61 11.06 -6.07
N LEU A 368 -2.37 10.77 -5.66
CA LEU A 368 -2.16 9.85 -4.54
C LEU A 368 -2.89 10.29 -3.27
N ASP A 369 -3.24 11.58 -3.18
CA ASP A 369 -3.97 12.04 -2.00
C ASP A 369 -5.31 11.36 -1.84
N ILE A 370 -5.77 10.71 -2.89
CA ILE A 370 -7.02 9.99 -2.86
C ILE A 370 -6.97 8.92 -1.78
N LEU A 371 -5.80 8.35 -1.61
CA LEU A 371 -5.58 7.30 -0.62
C LEU A 371 -5.52 7.78 0.85
N LYS A 372 -5.60 9.09 1.10
CA LYS A 372 -5.50 9.56 2.49
C LYS A 372 -6.62 9.06 3.40
N THR A 373 -7.75 8.64 2.82
CA THR A 373 -8.89 8.07 3.58
C THR A 373 -8.71 6.61 4.03
N VAL A 374 -7.78 5.89 3.39
CA VAL A 374 -7.48 4.49 3.74
C VAL A 374 -6.95 4.31 5.15
N LYS A 375 -7.65 3.52 5.96
CA LYS A 375 -7.24 3.23 7.34
C LYS A 375 -6.88 1.77 7.50
N GLU A 376 -7.39 0.92 6.61
CA GLU A 376 -7.17 -0.51 6.71
C GLU A 376 -6.87 -1.18 5.38
N ILE A 377 -5.79 -1.96 5.31
CA ILE A 377 -5.50 -2.77 4.14
C ILE A 377 -5.46 -4.21 4.61
N THR A 378 -6.39 -5.03 4.14
CA THR A 378 -6.45 -6.43 4.58
C THR A 378 -5.25 -7.21 4.05
N GLY A 379 -4.84 -6.93 2.82
CA GLY A 379 -3.73 -7.67 2.23
C GLY A 379 -2.38 -7.04 2.53
N PHE A 380 -1.61 -6.74 1.50
CA PHE A 380 -0.31 -6.12 1.71
C PHE A 380 -0.17 -4.74 1.09
N LEU A 381 0.85 -4.01 1.51
CA LEU A 381 1.15 -2.70 0.98
C LEU A 381 2.53 -2.75 0.35
N LEU A 382 2.55 -2.55 -0.95
CA LEU A 382 3.78 -2.65 -1.71
C LEU A 382 4.07 -1.33 -2.43
N ILE A 383 5.16 -0.69 -2.04
CA ILE A 383 5.59 0.57 -2.62
C ILE A 383 6.98 0.46 -3.21
N GLN A 384 7.01 0.40 -4.55
CA GLN A 384 8.24 0.33 -5.32
C GLN A 384 8.57 1.68 -5.97
N ALA A 385 7.60 2.58 -5.95
CA ALA A 385 7.81 3.89 -6.52
C ALA A 385 7.03 4.94 -5.74
N TRP A 386 7.67 6.09 -5.55
CA TRP A 386 7.06 7.20 -4.83
C TRP A 386 7.58 8.50 -5.42
N PRO A 387 6.74 9.56 -5.43
CA PRO A 387 7.21 10.87 -5.89
C PRO A 387 8.47 11.28 -5.14
N GLU A 388 9.56 11.50 -5.88
CA GLU A 388 10.86 11.86 -5.29
C GLU A 388 10.93 13.12 -4.43
N ASN A 389 10.13 14.13 -4.76
CA ASN A 389 10.12 15.34 -3.95
C ASN A 389 9.28 15.25 -2.66
N ARG A 390 8.55 14.15 -2.48
CA ARG A 390 7.79 13.95 -1.24
C ARG A 390 8.66 13.16 -0.25
N THR A 391 8.95 13.75 0.91
CA THR A 391 9.88 13.11 1.86
C THR A 391 9.37 11.89 2.68
N ASP A 392 8.05 11.71 2.75
CA ASP A 392 7.43 10.68 3.59
C ASP A 392 6.37 9.98 2.75
N LEU A 393 5.80 8.88 3.23
CA LEU A 393 4.66 8.27 2.52
C LEU A 393 3.35 8.88 3.00
N HIS A 394 3.13 10.13 2.61
CA HIS A 394 2.01 10.96 3.01
C HIS A 394 0.62 10.38 2.76
N ALA A 395 0.38 9.75 1.61
CA ALA A 395 -0.95 9.25 1.30
C ALA A 395 -1.48 8.25 2.33
N PHE A 396 -0.56 7.55 3.01
CA PHE A 396 -0.94 6.52 3.99
C PHE A 396 -0.79 7.01 5.43
N GLU A 397 -0.79 8.32 5.59
CA GLU A 397 -0.67 8.94 6.90
C GLU A 397 -1.82 8.60 7.84
N ASN A 398 -2.94 8.14 7.29
CA ASN A 398 -4.09 7.78 8.13
C ASN A 398 -4.28 6.27 8.23
N LEU A 399 -3.40 5.53 7.55
CA LEU A 399 -3.42 4.07 7.56
C LEU A 399 -3.15 3.51 8.96
N GLU A 400 -4.18 2.88 9.55
CA GLU A 400 -4.07 2.33 10.90
C GLU A 400 -3.51 0.90 10.96
N ILE A 401 -3.98 0.05 10.04
CA ILE A 401 -3.64 -1.38 10.07
C ILE A 401 -3.41 -2.05 8.70
N ILE A 402 -2.43 -2.94 8.65
CA ILE A 402 -2.22 -3.79 7.48
C ILE A 402 -2.32 -5.22 7.99
N ARG A 403 -3.27 -5.99 7.48
CA ARG A 403 -3.50 -7.32 8.00
C ARG A 403 -2.63 -8.41 7.40
N GLY A 404 -2.17 -8.22 6.18
CA GLY A 404 -1.32 -9.23 5.58
C GLY A 404 -1.97 -10.60 5.46
N ARG A 405 -3.28 -10.61 5.21
CA ARG A 405 -4.01 -11.84 5.06
C ARG A 405 -3.41 -12.50 3.83
N THR A 406 -3.21 -11.69 2.79
CA THR A 406 -2.46 -12.10 1.60
C THR A 406 -1.17 -11.30 1.57
N LYS A 407 -0.06 -11.93 1.14
CA LYS A 407 1.25 -11.28 1.15
C LYS A 407 1.93 -11.38 -0.20
N GLN A 408 2.81 -10.43 -0.50
CA GLN A 408 3.55 -10.47 -1.77
C GLN A 408 4.57 -11.58 -1.75
N HIS A 409 4.49 -12.46 -2.74
CA HIS A 409 5.29 -13.68 -2.81
C HIS A 409 4.93 -14.54 -1.62
N GLY A 410 3.73 -14.31 -1.10
CA GLY A 410 3.25 -15.01 0.07
C GLY A 410 4.14 -14.70 1.25
N GLN A 411 4.84 -13.58 1.19
CA GLN A 411 5.82 -13.30 2.22
C GLN A 411 5.74 -11.93 2.85
N PHE A 412 5.68 -10.86 2.09
CA PHE A 412 5.71 -9.53 2.72
C PHE A 412 4.33 -8.87 2.85
N SER A 413 4.04 -8.26 4.00
CA SER A 413 2.82 -7.48 4.17
C SER A 413 3.10 -5.99 4.02
N LEU A 414 4.36 -5.62 4.18
CA LEU A 414 4.79 -4.26 3.96
C LEU A 414 6.13 -4.22 3.27
N ALA A 415 6.14 -3.72 2.04
CA ALA A 415 7.38 -3.65 1.26
C ALA A 415 7.64 -2.24 0.74
N VAL A 416 8.65 -1.58 1.27
CA VAL A 416 8.99 -0.22 0.83
C VAL A 416 10.40 -0.22 0.26
N VAL A 417 10.51 -0.14 -1.07
CA VAL A 417 11.83 -0.35 -1.67
C VAL A 417 12.30 0.78 -2.60
N SER A 418 13.53 1.24 -2.34
CA SER A 418 14.31 2.23 -3.10
C SER A 418 13.51 3.44 -3.54
N LEU A 419 13.21 4.32 -2.60
CA LEU A 419 12.44 5.52 -2.83
C LEU A 419 13.31 6.67 -2.34
N ASN A 420 12.97 7.90 -2.72
CA ASN A 420 13.75 9.05 -2.26
C ASN A 420 13.35 9.52 -0.86
N ILE A 421 12.26 9.00 -0.33
CA ILE A 421 11.76 9.35 1.01
C ILE A 421 12.83 9.38 2.09
N THR A 422 12.66 10.30 3.04
CA THR A 422 13.53 10.45 4.19
C THR A 422 12.94 9.79 5.45
N SER A 423 11.61 9.66 5.51
CA SER A 423 10.92 9.06 6.66
C SER A 423 9.70 8.28 6.15
N LEU A 424 9.20 7.31 6.91
CA LEU A 424 8.01 6.58 6.44
C LEU A 424 6.67 7.21 6.79
N GLY A 425 6.67 8.25 7.61
CA GLY A 425 5.45 8.93 8.03
C GLY A 425 4.14 8.16 8.20
N LEU A 426 4.25 6.95 8.73
CA LEU A 426 3.10 6.08 8.96
C LEU A 426 2.61 6.29 10.40
N ARG A 427 2.26 7.54 10.71
CA ARG A 427 1.86 7.93 12.05
C ARG A 427 0.66 7.20 12.64
N SER A 428 -0.19 6.63 11.79
CA SER A 428 -1.33 5.87 12.31
C SER A 428 -1.12 4.35 12.35
N LEU A 429 -0.08 3.84 11.71
CA LEU A 429 0.17 2.40 11.71
C LEU A 429 0.33 1.83 13.11
N LYS A 430 -0.68 1.11 13.56
CA LYS A 430 -0.65 0.59 14.90
C LYS A 430 -0.49 -0.92 14.90
N GLU A 431 -0.82 -1.56 13.80
CA GLU A 431 -0.78 -3.03 13.74
C GLU A 431 -0.51 -3.62 12.37
N ILE A 432 0.38 -4.62 12.35
CA ILE A 432 0.65 -5.46 11.17
C ILE A 432 0.39 -6.95 11.51
N SER A 433 -0.86 -7.39 11.39
CA SER A 433 -1.29 -8.73 11.77
C SER A 433 -0.43 -9.91 11.27
N ASP A 434 -0.10 -9.93 9.98
CA ASP A 434 0.72 -11.03 9.47
C ASP A 434 1.70 -10.56 8.42
N GLY A 435 2.56 -11.47 7.98
CA GLY A 435 3.54 -11.16 6.96
C GLY A 435 4.75 -10.42 7.48
N ASP A 436 5.85 -10.47 6.72
CA ASP A 436 7.08 -9.82 7.11
C ASP A 436 7.14 -8.38 6.56
N VAL A 437 8.09 -7.58 7.04
CA VAL A 437 8.22 -6.19 6.61
C VAL A 437 9.61 -5.93 6.05
N ILE A 438 9.68 -5.61 4.76
CA ILE A 438 10.98 -5.32 4.15
C ILE A 438 11.10 -3.86 3.67
N ILE A 439 12.19 -3.24 4.10
CA ILE A 439 12.57 -1.86 3.79
C ILE A 439 13.97 -1.82 3.22
N SER A 440 14.07 -1.65 1.91
CA SER A 440 15.38 -1.68 1.29
C SER A 440 15.62 -0.55 0.33
N GLY A 441 16.89 -0.18 0.18
CA GLY A 441 17.32 0.75 -0.85
C GLY A 441 16.91 2.20 -0.79
N ASN A 442 16.43 2.68 0.35
CA ASN A 442 16.00 4.08 0.44
C ASN A 442 17.12 4.96 0.99
N LYS A 443 18.01 5.44 0.12
CA LYS A 443 19.20 6.21 0.52
C LYS A 443 18.94 7.32 1.55
N ASN A 444 17.77 7.92 1.54
CA ASN A 444 17.48 8.98 2.53
C ASN A 444 16.64 8.58 3.77
N LEU A 445 16.13 7.35 3.80
CA LEU A 445 15.30 6.86 4.90
C LEU A 445 15.96 6.85 6.27
N CYS A 446 15.39 7.54 7.25
CA CYS A 446 16.10 7.71 8.53
C CYS A 446 15.53 7.23 9.88
N TYR A 447 14.29 6.79 9.94
CA TYR A 447 13.76 6.53 11.28
C TYR A 447 13.31 5.10 11.49
N ALA A 448 13.24 4.33 10.40
CA ALA A 448 12.77 2.95 10.41
C ALA A 448 13.27 2.13 11.58
N ASN A 449 14.55 2.32 11.91
CA ASN A 449 15.20 1.56 12.97
C ASN A 449 14.64 1.83 14.36
N THR A 450 14.47 3.11 14.71
CA THR A 450 13.98 3.50 16.03
C THR A 450 12.69 2.78 16.45
N ILE A 451 11.87 2.38 15.47
CA ILE A 451 10.60 1.69 15.72
C ILE A 451 10.77 0.26 16.26
N ASN A 452 9.95 -0.12 17.24
CA ASN A 452 9.91 -1.51 17.71
C ASN A 452 8.83 -2.28 16.95
N TRP A 453 9.20 -2.86 15.82
CA TRP A 453 8.25 -3.57 14.95
C TRP A 453 7.57 -4.77 15.61
N LYS A 454 8.18 -5.32 16.66
CA LYS A 454 7.59 -6.45 17.38
C LYS A 454 6.28 -6.05 18.07
N LYS A 455 6.14 -4.76 18.36
CA LYS A 455 4.91 -4.22 18.93
C LYS A 455 3.79 -4.30 17.89
N LEU A 456 4.10 -3.87 16.67
CA LEU A 456 3.18 -3.89 15.52
C LEU A 456 2.70 -5.31 15.16
N PHE A 457 3.61 -6.27 15.16
CA PHE A 457 3.32 -7.67 14.80
C PHE A 457 2.24 -8.34 15.66
N GLY A 458 1.36 -9.07 14.99
CA GLY A 458 0.29 -9.78 15.66
C GLY A 458 0.57 -11.27 15.73
N THR A 459 1.53 -11.74 14.94
CA THR A 459 1.82 -13.16 14.93
C THR A 459 3.32 -13.42 15.07
N SER A 460 3.66 -14.65 15.45
CA SER A 460 5.05 -15.02 15.66
C SER A 460 5.64 -15.38 14.33
N GLY A 461 6.95 -15.27 14.19
CA GLY A 461 7.55 -15.61 12.91
C GLY A 461 7.73 -14.41 12.02
N GLN A 462 6.99 -13.35 12.32
CA GLN A 462 7.13 -12.10 11.58
C GLN A 462 8.48 -11.47 11.91
N LYS A 463 9.21 -11.16 10.84
CA LYS A 463 10.53 -10.62 11.00
C LYS A 463 10.59 -9.30 10.27
N THR A 464 11.57 -8.47 10.61
CA THR A 464 11.73 -7.22 9.91
C THR A 464 13.04 -7.28 9.20
N LYS A 465 13.05 -6.77 7.99
CA LYS A 465 14.28 -6.67 7.23
C LYS A 465 14.47 -5.25 6.74
N ILE A 466 15.18 -4.45 7.52
CA ILE A 466 15.50 -3.06 7.22
C ILE A 466 16.96 -2.94 6.83
N ILE A 467 17.19 -2.81 5.52
CA ILE A 467 18.54 -2.82 4.99
C ILE A 467 18.81 -1.78 3.91
N SER A 468 20.08 -1.37 3.85
CA SER A 468 20.59 -0.43 2.83
C SER A 468 19.82 0.87 2.73
N ASN A 469 19.51 1.46 3.87
CA ASN A 469 18.85 2.76 3.87
C ASN A 469 19.87 3.80 4.31
N ARG A 470 19.41 4.95 4.80
CA ARG A 470 20.37 5.94 5.22
C ARG A 470 21.04 5.47 6.50
N GLY A 471 22.34 5.76 6.59
CA GLY A 471 23.15 5.37 7.72
C GLY A 471 22.66 5.86 9.07
N GLU A 472 22.36 4.91 9.95
CA GLU A 472 21.95 5.22 11.31
C GLU A 472 22.89 6.24 11.96
N ASN A 473 24.17 6.15 11.58
CA ASN A 473 25.17 7.07 12.06
C ASN A 473 24.98 8.42 11.42
N SER A 474 24.78 8.43 10.10
CA SER A 474 24.55 9.68 9.36
C SER A 474 23.21 10.31 9.76
N CYS A 475 22.24 9.47 10.09
CA CYS A 475 20.97 9.94 10.62
C CYS A 475 21.22 10.74 11.89
N LYS A 476 21.85 10.07 12.86
CA LYS A 476 22.19 10.73 14.12
C LYS A 476 22.96 12.03 13.87
N ALA A 477 24.03 11.91 13.08
CA ALA A 477 24.90 13.02 12.72
C ALA A 477 24.20 14.22 12.11
N THR A 478 23.18 14.00 11.29
CA THR A 478 22.49 15.12 10.65
C THR A 478 21.20 15.51 11.35
N GLY A 479 21.10 15.15 12.62
CA GLY A 479 19.97 15.50 13.44
C GLY A 479 18.63 14.88 13.09
N GLN A 480 18.62 13.99 12.11
CA GLN A 480 17.39 13.30 11.72
C GLN A 480 17.06 12.16 12.68
N VAL A 481 16.63 12.51 13.88
CA VAL A 481 16.32 11.55 14.94
C VAL A 481 14.94 11.82 15.53
N CYS A 482 14.57 11.06 16.55
CA CYS A 482 13.25 11.26 17.13
C CYS A 482 13.22 12.47 18.04
N HIS A 483 12.09 13.17 17.97
CA HIS A 483 11.82 14.37 18.76
C HIS A 483 11.90 14.07 20.25
N ALA A 484 12.41 15.04 20.99
CA ALA A 484 12.59 14.87 22.43
C ALA A 484 11.28 14.56 23.17
N LEU A 485 10.14 14.87 22.54
CA LEU A 485 8.84 14.60 23.15
C LEU A 485 8.41 13.13 23.03
N CYS A 486 9.03 12.42 22.09
CA CYS A 486 8.78 11.00 21.92
C CYS A 486 9.25 10.15 23.11
N SER A 487 8.55 9.04 23.31
CA SER A 487 8.94 8.02 24.26
C SER A 487 10.08 7.26 23.60
N PRO A 488 10.86 6.50 24.38
CA PRO A 488 11.96 5.75 23.76
C PRO A 488 11.48 4.76 22.69
N GLU A 489 10.17 4.57 22.60
CA GLU A 489 9.54 3.66 21.63
C GLU A 489 9.69 4.03 20.15
N GLY A 490 10.38 5.13 19.86
CA GLY A 490 10.67 5.52 18.50
C GLY A 490 9.63 6.37 17.81
N CYS A 491 9.90 6.69 16.54
CA CYS A 491 9.06 7.58 15.75
C CYS A 491 9.08 7.26 14.25
N TRP A 492 8.17 7.88 13.51
CA TRP A 492 8.08 7.70 12.06
C TRP A 492 8.71 8.88 11.30
N GLY A 493 9.22 9.86 12.03
CA GLY A 493 9.77 11.06 11.42
C GLY A 493 10.21 12.04 12.48
N PRO A 494 10.65 13.24 12.06
CA PRO A 494 11.18 14.14 13.08
C PRO A 494 10.10 14.77 13.95
N GLU A 495 8.89 14.95 13.42
CA GLU A 495 7.83 15.65 14.14
C GLU A 495 7.35 14.95 15.42
N PRO A 496 6.84 15.74 16.40
CA PRO A 496 6.31 15.24 17.67
C PRO A 496 4.99 14.48 17.50
N ARG A 497 4.44 14.54 16.30
CA ARG A 497 3.24 13.78 15.94
C ARG A 497 3.61 12.39 15.39
N ASP A 498 4.86 12.25 14.97
CA ASP A 498 5.39 10.99 14.46
C ASP A 498 5.80 10.02 15.56
N CYS A 499 5.75 10.43 16.82
CA CYS A 499 6.11 9.54 17.92
C CYS A 499 5.20 8.35 18.00
N VAL A 500 5.69 7.26 18.56
CA VAL A 500 4.90 6.08 18.73
C VAL A 500 4.02 6.31 19.94
N SER A 501 4.65 6.74 21.02
CA SER A 501 3.99 7.14 22.26
C SER A 501 4.75 8.32 22.87
N CYS A 502 4.09 9.10 23.72
CA CYS A 502 4.73 10.29 24.27
C CYS A 502 5.56 10.08 25.54
N ARG A 503 6.53 10.98 25.75
CA ARG A 503 7.37 10.99 26.95
C ARG A 503 6.63 11.68 28.07
N ASN A 504 5.65 12.47 27.67
CA ASN A 504 4.84 13.25 28.58
C ASN A 504 3.40 13.02 28.22
N VAL A 505 2.73 14.02 27.70
CA VAL A 505 1.32 13.86 27.39
C VAL A 505 1.01 14.12 25.93
N SER A 506 -0.21 13.78 25.53
CA SER A 506 -0.62 14.04 24.16
C SER A 506 -1.89 14.88 24.09
N ARG A 507 -1.95 15.72 23.06
CA ARG A 507 -3.12 16.51 22.72
C ARG A 507 -3.47 16.12 21.30
N GLY A 508 -4.59 15.44 21.15
CA GLY A 508 -4.97 14.90 19.87
C GLY A 508 -3.89 13.89 19.51
N ARG A 509 -3.46 13.93 18.27
CA ARG A 509 -2.40 13.04 17.81
C ARG A 509 -0.99 13.52 18.19
N GLU A 510 -0.86 14.75 18.70
CA GLU A 510 0.47 15.31 18.95
C GLU A 510 1.03 15.14 20.38
N CYS A 511 2.30 14.76 20.49
CA CYS A 511 2.95 14.71 21.78
C CYS A 511 3.49 16.07 22.23
N VAL A 512 3.09 16.44 23.44
CA VAL A 512 3.46 17.69 24.06
C VAL A 512 4.01 17.45 25.48
N ASP A 513 4.76 18.43 25.97
CA ASP A 513 5.38 18.37 27.30
C ASP A 513 4.43 18.68 28.46
N LYS A 514 3.33 19.40 28.19
CA LYS A 514 2.41 19.74 29.25
C LYS A 514 1.05 20.05 28.69
N CYS A 515 0.07 19.90 29.55
CA CYS A 515 -1.30 20.22 29.25
C CYS A 515 -1.63 21.60 29.73
N LYS A 516 -2.62 22.21 29.09
CA LYS A 516 -3.07 23.52 29.47
C LYS A 516 -3.83 23.42 30.79
N LEU A 517 -3.15 22.81 31.76
CA LEU A 517 -3.70 22.55 33.08
C LEU A 517 -4.06 23.81 33.81
N LEU A 518 -3.12 24.76 33.83
CA LEU A 518 -3.35 25.97 34.58
C LEU A 518 -3.31 27.24 33.72
N GLU A 519 -2.66 27.20 32.56
CA GLU A 519 -2.54 28.47 31.85
C GLU A 519 -3.13 28.59 30.44
N GLY A 520 -3.18 27.52 29.65
CA GLY A 520 -3.61 27.65 28.26
C GLY A 520 -5.01 28.20 28.03
N GLU A 521 -5.32 28.65 26.81
CA GLU A 521 -6.65 29.19 26.53
C GLU A 521 -7.77 28.14 26.50
N PRO A 522 -7.65 27.08 25.68
CA PRO A 522 -8.65 26.04 25.92
C PRO A 522 -8.15 25.13 27.03
N ARG A 523 -8.69 25.36 28.23
CA ARG A 523 -8.26 24.66 29.43
C ARG A 523 -8.50 23.18 29.29
N GLU A 524 -7.64 22.41 29.92
CA GLU A 524 -7.64 20.99 29.71
C GLU A 524 -7.45 20.27 31.02
N PHE A 525 -7.82 19.00 31.05
CA PHE A 525 -7.51 18.15 32.18
C PHE A 525 -6.77 16.94 31.64
N VAL A 526 -6.15 16.17 32.52
CA VAL A 526 -5.35 15.03 32.09
C VAL A 526 -5.98 13.71 32.48
N GLU A 527 -6.10 12.84 31.49
CA GLU A 527 -6.66 11.52 31.73
C GLU A 527 -5.87 10.45 30.98
N ASN A 528 -5.16 9.61 31.74
CA ASN A 528 -4.41 8.50 31.16
C ASN A 528 -3.39 9.01 30.15
N SER A 529 -2.71 10.09 30.53
CA SER A 529 -1.73 10.79 29.69
C SER A 529 -2.34 11.45 28.45
N GLU A 530 -3.60 11.85 28.53
CA GLU A 530 -4.22 12.55 27.41
C GLU A 530 -4.82 13.88 27.84
N CYS A 531 -4.57 14.93 27.06
CA CYS A 531 -5.10 16.26 27.33
C CYS A 531 -6.49 16.45 26.75
N ILE A 532 -7.50 16.39 27.59
CA ILE A 532 -8.86 16.58 27.12
C ILE A 532 -9.33 17.97 27.49
N GLN A 533 -9.84 18.70 26.50
CA GLN A 533 -10.30 20.06 26.71
C GLN A 533 -11.42 20.11 27.74
N CYS A 534 -11.54 21.23 28.44
CA CYS A 534 -12.64 21.40 29.40
C CYS A 534 -13.87 21.85 28.66
N HIS A 535 -15.01 21.62 29.28
CA HIS A 535 -16.27 22.03 28.68
C HIS A 535 -16.20 23.54 28.50
N PRO A 536 -16.68 24.02 27.35
CA PRO A 536 -16.64 25.46 27.02
C PRO A 536 -17.34 26.34 28.04
N GLU A 537 -18.26 25.76 28.81
CA GLU A 537 -18.98 26.52 29.80
C GLU A 537 -18.18 26.66 31.10
N CYS A 538 -17.09 25.93 31.22
CA CYS A 538 -16.22 26.10 32.38
C CYS A 538 -15.36 27.35 32.22
N LEU A 539 -15.43 28.23 33.21
CA LEU A 539 -14.63 29.45 33.24
C LEU A 539 -13.22 29.10 33.68
N PRO A 540 -12.21 29.44 32.85
CA PRO A 540 -10.81 29.21 33.19
C PRO A 540 -10.45 29.74 34.57
N GLN A 541 -9.63 29.00 35.31
CA GLN A 541 -9.25 29.36 36.68
C GLN A 541 -7.79 29.76 36.77
N ALA A 542 -7.55 31.02 37.11
CA ALA A 542 -6.20 31.51 37.32
C ALA A 542 -5.54 30.77 38.48
N MET A 543 -4.31 30.31 38.25
CA MET A 543 -3.50 29.60 39.24
C MET A 543 -4.13 28.33 39.83
N ASN A 544 -5.17 27.82 39.18
CA ASN A 544 -5.83 26.57 39.61
C ASN A 544 -6.46 25.80 38.43
N ILE A 545 -6.69 24.51 38.62
CA ILE A 545 -7.30 23.70 37.56
C ILE A 545 -8.69 24.24 37.25
N THR A 546 -9.08 24.17 35.97
CA THR A 546 -10.35 24.75 35.52
C THR A 546 -11.52 23.76 35.65
N CYS A 547 -11.24 22.48 35.44
CA CYS A 547 -12.25 21.44 35.49
C CYS A 547 -11.67 20.13 36.00
N THR A 548 -12.54 19.21 36.41
CA THR A 548 -12.08 17.95 37.00
C THR A 548 -12.48 16.78 36.12
N GLY A 549 -12.99 17.09 34.94
CA GLY A 549 -13.41 16.05 34.01
C GLY A 549 -14.25 16.54 32.85
N ARG A 550 -14.67 15.60 32.02
CA ARG A 550 -15.52 15.89 30.89
C ARG A 550 -16.92 16.25 31.37
N GLY A 551 -17.47 17.34 30.85
CA GLY A 551 -18.82 17.72 31.17
C GLY A 551 -18.93 19.04 31.88
N PRO A 552 -20.13 19.62 31.91
CA PRO A 552 -20.44 20.90 32.55
C PRO A 552 -20.68 20.82 34.05
N ASP A 553 -20.67 19.61 34.61
CA ASP A 553 -20.88 19.44 36.05
C ASP A 553 -19.55 19.42 36.76
N ASN A 554 -18.51 19.04 36.03
CA ASN A 554 -17.17 18.93 36.57
C ASN A 554 -16.42 20.27 36.48
N CYS A 555 -17.16 21.37 36.44
CA CYS A 555 -16.55 22.69 36.39
C CYS A 555 -16.19 23.20 37.77
N ILE A 556 -15.12 23.99 37.84
CA ILE A 556 -14.76 24.67 39.08
C ILE A 556 -15.66 25.89 39.19
N GLN A 557 -15.81 26.59 38.07
CA GLN A 557 -16.63 27.79 38.02
C GLN A 557 -17.32 27.89 36.65
N CYS A 558 -18.56 28.36 36.65
CA CYS A 558 -19.34 28.52 35.42
C CYS A 558 -19.02 29.83 34.71
N ALA A 559 -19.01 29.80 33.38
CA ALA A 559 -18.72 30.99 32.60
C ALA A 559 -19.96 31.87 32.40
N HIS A 560 -21.13 31.26 32.24
CA HIS A 560 -22.34 32.05 32.03
C HIS A 560 -23.43 31.81 33.08
N TYR A 561 -24.25 30.77 32.90
CA TYR A 561 -25.33 30.48 33.86
C TYR A 561 -25.30 29.04 34.39
N ILE A 562 -25.91 28.82 35.55
CA ILE A 562 -25.98 27.49 36.14
C ILE A 562 -27.42 26.94 36.25
N ASP A 563 -27.65 25.74 35.72
CA ASP A 563 -28.95 25.09 35.85
C ASP A 563 -28.74 23.82 36.66
N GLY A 564 -29.19 23.89 37.91
CA GLY A 564 -29.00 22.83 38.89
C GLY A 564 -27.50 22.65 39.10
N PRO A 565 -26.98 21.48 38.73
CA PRO A 565 -25.54 21.18 38.81
C PRO A 565 -24.76 21.49 37.52
N HIS A 566 -25.44 21.86 36.43
CA HIS A 566 -24.79 22.05 35.14
C HIS A 566 -24.47 23.51 34.84
N CYS A 567 -23.43 23.70 34.03
CA CYS A 567 -23.10 25.02 33.52
C CYS A 567 -23.58 25.14 32.07
N VAL A 568 -24.44 26.13 31.84
CA VAL A 568 -25.09 26.35 30.57
C VAL A 568 -24.82 27.75 30.01
N LYS A 569 -24.72 27.86 28.69
CA LYS A 569 -24.52 29.16 28.07
C LYS A 569 -25.77 29.98 28.25
N THR A 570 -26.90 29.31 28.33
CA THR A 570 -28.17 29.99 28.59
C THR A 570 -29.17 29.06 29.29
N CYS A 571 -30.08 29.66 30.05
CA CYS A 571 -31.12 28.92 30.75
C CYS A 571 -32.08 28.23 29.78
N PRO A 572 -32.62 27.07 30.20
CA PRO A 572 -33.56 26.30 29.37
C PRO A 572 -34.80 27.13 29.00
N ALA A 573 -35.12 27.22 27.71
CA ALA A 573 -36.24 28.06 27.28
C ALA A 573 -37.04 27.47 26.12
N GLY A 574 -38.24 26.97 26.41
CA GLY A 574 -39.09 26.41 25.38
C GLY A 574 -38.87 24.93 25.16
N VAL A 575 -38.05 24.34 26.01
CA VAL A 575 -37.77 22.90 25.95
C VAL A 575 -38.93 22.08 26.49
N MET A 576 -39.19 20.94 25.85
CA MET A 576 -40.28 20.07 26.24
C MET A 576 -40.03 19.43 27.61
N GLY A 577 -41.09 19.21 28.36
CA GLY A 577 -41.01 18.55 29.66
C GLY A 577 -42.19 17.62 29.82
N GLU A 578 -42.28 16.97 30.97
CA GLU A 578 -43.39 16.04 31.23
C GLU A 578 -44.72 16.78 31.25
N ASN A 579 -45.82 16.02 31.26
CA ASN A 579 -47.17 16.58 31.21
C ASN A 579 -47.31 17.41 29.93
N ASN A 580 -46.44 17.12 28.96
CA ASN A 580 -46.39 17.82 27.68
C ASN A 580 -46.56 19.32 27.80
N THR A 581 -45.80 19.89 28.72
CA THR A 581 -45.78 21.32 28.97
C THR A 581 -44.43 21.87 28.56
N LEU A 582 -44.36 23.17 28.25
CA LEU A 582 -43.08 23.74 27.86
C LEU A 582 -42.38 24.20 29.14
N VAL A 583 -41.06 24.06 29.16
CA VAL A 583 -40.27 24.48 30.30
C VAL A 583 -39.62 25.83 30.06
N TRP A 584 -39.86 26.76 30.99
CA TRP A 584 -39.28 28.09 30.93
C TRP A 584 -38.59 28.45 32.24
N LYS A 585 -37.34 28.88 32.13
CA LYS A 585 -36.58 29.31 33.28
C LYS A 585 -36.06 30.72 33.11
N TYR A 586 -35.76 31.36 34.23
CA TYR A 586 -35.18 32.69 34.24
C TYR A 586 -33.91 32.68 35.07
N ALA A 587 -33.07 33.69 34.86
CA ALA A 587 -31.83 33.80 35.62
C ALA A 587 -31.93 34.92 36.66
N ASP A 588 -31.49 34.60 37.87
CA ASP A 588 -31.52 35.56 38.96
C ASP A 588 -30.19 36.32 39.10
N ALA A 589 -30.07 37.16 40.12
CA ALA A 589 -28.86 37.95 40.33
C ALA A 589 -27.57 37.12 40.39
N GLY A 590 -27.66 35.88 40.86
CA GLY A 590 -26.48 35.04 40.94
C GLY A 590 -26.38 34.15 39.72
N HIS A 591 -27.18 34.48 38.71
CA HIS A 591 -27.22 33.77 37.43
C HIS A 591 -27.63 32.29 37.51
N VAL A 592 -28.47 31.97 38.50
CA VAL A 592 -28.96 30.61 38.71
C VAL A 592 -30.36 30.46 38.11
N CYS A 593 -30.55 29.42 37.29
CA CYS A 593 -31.83 29.18 36.62
C CYS A 593 -32.92 28.62 37.51
N HIS A 594 -34.07 29.29 37.46
CA HIS A 594 -35.25 28.90 38.24
C HIS A 594 -36.50 28.92 37.35
N LEU A 595 -37.37 27.93 37.53
CA LEU A 595 -38.62 27.82 36.78
C LEU A 595 -39.49 29.06 36.80
N CYS A 596 -40.07 29.38 35.64
CA CYS A 596 -41.00 30.49 35.49
C CYS A 596 -42.36 30.12 36.07
N HIS A 597 -43.15 31.14 36.39
CA HIS A 597 -44.51 30.91 36.88
C HIS A 597 -45.25 30.14 35.79
N PRO A 598 -46.06 29.13 36.18
CA PRO A 598 -46.72 28.29 35.17
C PRO A 598 -47.54 29.08 34.15
N ASN A 599 -47.92 30.31 34.50
CA ASN A 599 -48.70 31.15 33.61
C ASN A 599 -47.87 31.93 32.60
N CYS A 600 -46.55 31.80 32.67
CA CYS A 600 -45.67 32.53 31.77
C CYS A 600 -45.47 31.80 30.45
N THR A 601 -46.54 31.84 29.66
CA THR A 601 -46.66 31.20 28.36
C THR A 601 -45.50 31.37 27.38
N TYR A 602 -44.95 32.57 27.30
CA TYR A 602 -43.86 32.81 26.35
C TYR A 602 -42.52 33.01 27.04
N GLY A 603 -42.51 32.91 28.36
CA GLY A 603 -41.29 33.10 29.11
C GLY A 603 -41.43 34.15 30.20
N CYS A 604 -40.43 34.24 31.06
CA CYS A 604 -40.43 35.20 32.15
C CYS A 604 -39.01 35.71 32.42
N THR A 605 -38.89 37.03 32.50
CA THR A 605 -37.62 37.70 32.77
C THR A 605 -37.29 37.63 34.26
N GLY A 606 -38.32 37.38 35.06
CA GLY A 606 -38.12 37.28 36.50
C GLY A 606 -39.21 36.41 37.09
N PRO A 607 -39.17 36.23 38.41
CA PRO A 607 -40.09 35.38 39.15
C PRO A 607 -41.53 35.91 39.22
N GLY A 608 -42.45 34.99 39.50
CA GLY A 608 -43.86 35.29 39.64
C GLY A 608 -44.53 35.83 38.41
N LEU A 609 -45.76 36.31 38.59
CA LEU A 609 -46.52 36.90 37.50
C LEU A 609 -45.95 38.26 37.11
N ARG A 610 -45.24 38.86 38.06
CA ARG A 610 -44.58 40.15 37.89
C ARG A 610 -43.74 40.18 36.59
N GLY A 611 -42.78 39.28 36.47
CA GLY A 611 -41.93 39.17 35.29
C GLY A 611 -42.61 38.64 34.06
N CYS A 612 -43.81 39.15 33.76
CA CYS A 612 -44.63 38.68 32.63
C CYS A 612 -45.52 39.79 32.06
N ASP B 1 31.20 7.50 5.87
CA ASP B 1 30.95 6.24 5.16
C ASP B 1 31.44 5.06 5.97
N ILE B 2 30.56 4.08 6.16
CA ILE B 2 30.90 2.87 6.89
C ILE B 2 31.99 2.02 6.22
N LEU B 3 33.11 1.86 6.92
CA LEU B 3 34.20 1.03 6.45
C LEU B 3 34.02 -0.38 6.95
N LEU B 4 34.35 -1.36 6.12
CA LEU B 4 34.54 -2.71 6.61
C LEU B 4 36.01 -3.02 6.54
N THR B 5 36.61 -3.35 7.68
CA THR B 5 38.04 -3.63 7.73
C THR B 5 38.32 -5.10 7.97
N GLN B 6 38.94 -5.77 7.02
CA GLN B 6 39.24 -7.18 7.18
C GLN B 6 40.68 -7.46 7.58
N SER B 7 40.82 -8.39 8.52
CA SER B 7 42.11 -8.85 8.97
C SER B 7 42.14 -10.36 9.12
N PRO B 8 43.32 -10.98 8.91
CA PRO B 8 44.57 -10.40 8.42
C PRO B 8 44.52 -10.18 6.93
N VAL B 9 45.54 -9.58 6.33
CA VAL B 9 45.56 -9.50 4.87
C VAL B 9 45.72 -10.93 4.32
N ILE B 10 46.68 -11.67 4.89
CA ILE B 10 46.90 -13.07 4.58
C ILE B 10 46.85 -13.93 5.85
N LEU B 11 46.03 -14.96 5.84
CA LEU B 11 45.88 -15.87 6.97
C LEU B 11 46.51 -17.22 6.67
N SER B 12 47.63 -17.53 7.32
CA SER B 12 48.32 -18.80 7.06
C SER B 12 47.98 -19.84 8.12
N VAL B 13 47.51 -20.99 7.68
CA VAL B 13 47.05 -22.03 8.58
C VAL B 13 47.47 -23.40 8.04
N SER B 14 47.35 -24.45 8.86
CA SER B 14 47.66 -25.81 8.44
C SER B 14 46.35 -26.53 8.21
N PRO B 15 46.32 -27.54 7.32
CA PRO B 15 45.07 -28.27 7.07
C PRO B 15 44.46 -28.87 8.33
N GLY B 16 43.14 -28.80 8.45
CA GLY B 16 42.45 -29.39 9.58
C GLY B 16 42.29 -28.41 10.72
N GLU B 17 43.07 -27.33 10.68
CA GLU B 17 43.07 -26.34 11.75
C GLU B 17 41.77 -25.54 11.75
N ARG B 18 41.40 -24.96 12.89
CA ARG B 18 40.30 -24.00 12.88
C ARG B 18 40.84 -22.66 12.41
N VAL B 19 40.08 -22.04 11.51
CA VAL B 19 40.48 -20.81 10.87
C VAL B 19 39.39 -19.77 11.06
N SER B 20 39.77 -18.55 11.42
CA SER B 20 38.79 -17.48 11.56
C SER B 20 39.20 -16.21 10.79
N PHE B 21 38.26 -15.63 10.06
CA PHE B 21 38.49 -14.36 9.37
C PHE B 21 37.80 -13.26 10.17
N SER B 22 38.48 -12.13 10.36
CA SER B 22 37.87 -11.01 11.12
C SER B 22 37.43 -9.91 10.20
N CYS B 23 36.21 -9.43 10.40
CA CYS B 23 35.65 -8.31 9.63
C CYS B 23 35.05 -7.33 10.59
N ARG B 24 35.56 -6.09 10.60
CA ARG B 24 35.13 -5.12 11.58
C ARG B 24 34.53 -3.88 10.96
N ALA B 25 33.31 -3.54 11.37
CA ALA B 25 32.59 -2.41 10.80
C ALA B 25 32.88 -1.14 11.58
N SER B 26 32.96 -0.01 10.90
CA SER B 26 33.26 1.25 11.57
C SER B 26 32.06 1.65 12.40
N GLN B 27 30.89 1.15 12.03
CA GLN B 27 29.67 1.44 12.77
C GLN B 27 28.95 0.14 13.09
N SER B 28 28.18 0.13 14.17
CA SER B 28 27.39 -1.03 14.56
C SER B 28 26.22 -1.21 13.59
N ILE B 29 26.03 -2.44 13.11
CA ILE B 29 25.05 -2.72 12.07
C ILE B 29 24.23 -3.98 12.33
N GLY B 30 24.21 -4.45 13.57
CA GLY B 30 23.45 -5.64 13.90
C GLY B 30 23.98 -6.91 13.26
N THR B 31 23.18 -7.56 12.44
CA THR B 31 23.65 -8.76 11.77
C THR B 31 23.67 -8.59 10.25
N ASN B 32 23.74 -7.37 9.77
CA ASN B 32 23.64 -7.15 8.35
C ASN B 32 25.02 -7.31 7.71
N ILE B 33 25.54 -8.53 7.73
CA ILE B 33 26.84 -8.84 7.12
C ILE B 33 26.77 -10.15 6.33
N HIS B 34 27.34 -10.19 5.12
CA HIS B 34 27.38 -11.43 4.35
C HIS B 34 28.82 -11.78 4.00
N TRP B 35 29.11 -13.06 3.81
CA TRP B 35 30.45 -13.48 3.48
C TRP B 35 30.48 -14.21 2.17
N TYR B 36 31.53 -13.94 1.38
CA TYR B 36 31.74 -14.56 0.07
C TYR B 36 33.09 -15.23 -0.01
N GLN B 37 33.15 -16.32 -0.77
CA GLN B 37 34.40 -16.94 -1.16
C GLN B 37 34.64 -16.61 -2.59
N GLN B 38 35.87 -16.26 -2.96
CA GLN B 38 36.20 -16.10 -4.36
C GLN B 38 37.48 -16.86 -4.65
N ARG B 39 37.38 -17.94 -5.41
CA ARG B 39 38.56 -18.70 -5.79
C ARG B 39 39.19 -17.95 -6.93
N THR B 40 40.46 -18.25 -7.22
CA THR B 40 41.13 -17.55 -8.29
C THR B 40 40.38 -17.77 -9.60
N ASN B 41 40.16 -16.69 -10.34
CA ASN B 41 39.41 -16.71 -11.60
C ASN B 41 37.94 -17.13 -11.50
N GLY B 42 37.38 -17.12 -10.29
CA GLY B 42 35.99 -17.45 -10.09
C GLY B 42 35.13 -16.24 -9.78
N SER B 43 33.81 -16.42 -9.76
CA SER B 43 32.93 -15.36 -9.32
C SER B 43 32.87 -15.44 -7.82
N PRO B 44 32.53 -14.32 -7.16
CA PRO B 44 32.35 -14.44 -5.73
C PRO B 44 31.24 -15.48 -5.48
N ARG B 45 31.35 -16.17 -4.34
CA ARG B 45 30.41 -17.23 -3.97
C ARG B 45 29.91 -16.93 -2.57
N LEU B 46 28.61 -16.72 -2.41
CA LEU B 46 28.06 -16.42 -1.10
C LEU B 46 28.20 -17.59 -0.15
N LEU B 47 28.87 -17.35 0.99
CA LEU B 47 29.13 -18.38 1.99
C LEU B 47 28.11 -18.29 3.10
N ILE B 48 27.88 -17.07 3.57
CA ILE B 48 27.03 -16.87 4.74
C ILE B 48 26.20 -15.62 4.58
N LYS B 49 24.92 -15.64 4.97
CA LYS B 49 24.21 -14.38 4.95
C LYS B 49 23.86 -13.97 6.35
N TYR B 50 23.76 -12.66 6.54
CA TYR B 50 23.39 -12.08 7.83
C TYR B 50 24.14 -12.64 9.05
N ALA B 51 25.47 -12.63 8.97
CA ALA B 51 26.37 -12.95 10.09
C ALA B 51 26.41 -14.42 10.46
N ASP B 52 25.26 -15.09 10.53
CA ASP B 52 25.26 -16.45 11.07
C ASP B 52 24.34 -17.45 10.40
N GLU B 53 23.71 -17.07 9.29
CA GLU B 53 22.72 -17.97 8.68
C GLU B 53 23.41 -18.79 7.63
N SER B 54 23.21 -20.11 7.65
CA SER B 54 23.89 -21.00 6.72
C SER B 54 23.27 -20.83 5.35
N ILE B 55 24.02 -21.14 4.30
CA ILE B 55 23.50 -21.04 2.94
C ILE B 55 23.44 -22.41 2.28
N ASP B 56 22.32 -22.71 1.62
CA ASP B 56 22.16 -24.00 0.97
C ASP B 56 23.28 -24.23 -0.03
N GLY B 57 23.91 -25.40 0.08
CA GLY B 57 24.96 -25.82 -0.84
C GLY B 57 26.37 -25.51 -0.33
N ILE B 58 26.44 -24.80 0.79
CA ILE B 58 27.72 -24.45 1.39
C ILE B 58 28.09 -25.52 2.41
N PRO B 59 29.33 -26.03 2.34
CA PRO B 59 29.80 -27.04 3.27
C PRO B 59 29.56 -26.63 4.72
N SER B 60 29.23 -27.61 5.54
CA SER B 60 28.88 -27.35 6.92
C SER B 60 30.03 -26.76 7.73
N ARG B 61 31.26 -26.95 7.26
CA ARG B 61 32.43 -26.48 8.00
C ARG B 61 32.50 -24.95 8.00
N PHE B 62 31.76 -24.31 7.10
CA PHE B 62 31.67 -22.86 7.11
C PHE B 62 30.59 -22.40 8.07
N SER B 63 30.91 -21.44 8.91
CA SER B 63 29.91 -20.85 9.77
C SER B 63 30.26 -19.40 10.02
N GLY B 64 29.32 -18.62 10.54
CA GLY B 64 29.63 -17.24 10.84
C GLY B 64 29.05 -16.88 12.18
N SER B 65 29.63 -15.87 12.82
CA SER B 65 29.12 -15.41 14.10
C SER B 65 29.42 -13.93 14.24
N GLY B 66 28.80 -13.28 15.20
CA GLY B 66 29.10 -11.89 15.45
C GLY B 66 27.86 -11.06 15.35
N SER B 67 27.88 -9.92 16.01
CA SER B 67 26.80 -8.94 15.96
C SER B 67 27.36 -7.63 16.47
N GLY B 68 26.98 -6.51 15.87
CA GLY B 68 27.49 -5.24 16.32
C GLY B 68 28.53 -4.68 15.37
N THR B 69 29.80 -4.78 15.75
CA THR B 69 30.80 -4.24 14.87
C THR B 69 31.79 -5.30 14.45
N ASP B 70 31.98 -6.31 15.27
CA ASP B 70 32.99 -7.30 14.95
C ASP B 70 32.36 -8.64 14.58
N PHE B 71 32.65 -9.07 13.35
CA PHE B 71 32.07 -10.28 12.78
C PHE B 71 33.16 -11.27 12.43
N THR B 72 32.81 -12.55 12.45
CA THR B 72 33.81 -13.60 12.25
C THR B 72 33.31 -14.71 11.34
N LEU B 73 34.11 -15.05 10.34
CA LEU B 73 33.82 -16.23 9.54
C LEU B 73 34.74 -17.38 9.93
N SER B 74 34.18 -18.55 10.21
CA SER B 74 35.03 -19.65 10.64
C SER B 74 34.93 -20.89 9.76
N ILE B 75 36.10 -21.49 9.51
CA ILE B 75 36.17 -22.82 8.94
C ILE B 75 36.80 -23.73 9.98
N ASN B 76 36.06 -24.70 10.48
CA ASN B 76 36.50 -25.43 11.67
C ASN B 76 37.61 -26.44 11.37
N SER B 77 37.66 -26.94 10.14
CA SER B 77 38.76 -27.80 9.71
C SER B 77 39.07 -27.52 8.25
N VAL B 78 40.13 -26.75 8.03
CA VAL B 78 40.40 -26.21 6.70
C VAL B 78 40.96 -27.27 5.74
N GLU B 79 40.52 -27.18 4.49
CA GLU B 79 40.84 -28.11 3.42
C GLU B 79 41.52 -27.36 2.29
N SER B 80 42.21 -28.09 1.42
CA SER B 80 42.95 -27.46 0.34
C SER B 80 42.07 -26.63 -0.58
N GLU B 81 40.81 -27.06 -0.77
CA GLU B 81 39.89 -26.34 -1.64
C GLU B 81 39.45 -25.00 -1.05
N ASP B 82 39.79 -24.78 0.22
CA ASP B 82 39.36 -23.57 0.89
C ASP B 82 40.29 -22.39 0.59
N ILE B 83 41.39 -22.64 -0.13
CA ILE B 83 42.25 -21.54 -0.56
C ILE B 83 41.48 -20.61 -1.50
N ALA B 84 41.41 -19.34 -1.13
CA ALA B 84 40.55 -18.38 -1.83
C ALA B 84 40.66 -17.03 -1.15
N ASP B 85 40.05 -16.01 -1.76
CA ASP B 85 39.87 -14.74 -1.09
C ASP B 85 38.53 -14.80 -0.37
N TYR B 86 38.43 -14.18 0.80
CA TYR B 86 37.17 -14.19 1.51
C TYR B 86 36.78 -12.75 1.78
N TYR B 87 35.54 -12.40 1.44
CA TYR B 87 35.11 -11.01 1.56
C TYR B 87 33.89 -10.86 2.45
N CYS B 88 33.83 -9.76 3.17
CA CYS B 88 32.60 -9.42 3.85
C CYS B 88 31.90 -8.33 3.10
N GLN B 89 30.60 -8.23 3.31
CA GLN B 89 29.74 -7.26 2.64
C GLN B 89 28.75 -6.75 3.65
N GLN B 90 28.52 -5.44 3.68
CA GLN B 90 27.50 -4.93 4.59
C GLN B 90 26.25 -4.56 3.83
N ASN B 91 25.16 -4.69 4.57
CA ASN B 91 23.82 -4.80 4.05
C ASN B 91 22.98 -3.68 4.58
N ASN B 92 23.63 -2.83 5.36
CA ASN B 92 22.93 -2.02 6.36
C ASN B 92 22.81 -0.55 6.00
N ASN B 93 23.75 -0.07 5.20
CA ASN B 93 23.87 1.35 4.91
C ASN B 93 23.93 1.54 3.43
N TRP B 94 23.12 2.43 2.89
CA TRP B 94 23.23 2.63 1.45
C TRP B 94 24.54 3.36 1.14
N PRO B 95 25.31 2.87 0.15
CA PRO B 95 25.23 1.69 -0.71
C PRO B 95 25.82 0.47 -0.03
N THR B 96 25.42 -0.73 -0.43
CA THR B 96 26.09 -1.92 0.07
C THR B 96 27.57 -1.88 -0.33
N THR B 97 28.44 -2.28 0.58
CA THR B 97 29.89 -2.23 0.36
C THR B 97 30.62 -3.52 0.74
N PHE B 98 31.83 -3.71 0.23
CA PHE B 98 32.59 -4.91 0.48
C PHE B 98 33.94 -4.62 1.16
N GLY B 99 34.39 -5.56 1.98
CA GLY B 99 35.73 -5.54 2.56
C GLY B 99 36.82 -5.82 1.54
N ALA B 100 38.08 -5.63 1.93
CA ALA B 100 39.19 -5.76 0.99
C ALA B 100 39.65 -7.20 0.86
N GLY B 101 39.15 -8.07 1.73
CA GLY B 101 39.41 -9.48 1.60
C GLY B 101 40.56 -10.03 2.40
N THR B 102 40.40 -11.29 2.79
CA THR B 102 41.51 -12.01 3.39
C THR B 102 41.81 -13.21 2.51
N LYS B 103 43.08 -13.36 2.15
CA LYS B 103 43.54 -14.49 1.33
C LYS B 103 44.02 -15.61 2.23
N LEU B 104 43.51 -16.81 2.00
CA LEU B 104 43.87 -17.96 2.82
C LEU B 104 45.04 -18.75 2.23
N GLU B 105 46.11 -18.86 3.00
CA GLU B 105 47.26 -19.65 2.59
C GLU B 105 47.34 -20.87 3.51
N LEU B 106 47.74 -21.99 2.95
CA LEU B 106 47.86 -23.22 3.71
C LEU B 106 49.32 -23.51 3.93
N LYS B 107 49.66 -23.79 5.18
CA LYS B 107 51.03 -24.15 5.48
C LYS B 107 51.32 -25.59 5.10
N ARG B 108 52.58 -25.82 4.83
CA ARG B 108 53.14 -27.13 4.55
C ARG B 108 54.60 -27.07 4.92
N THR B 109 55.29 -28.20 4.81
CA THR B 109 56.70 -28.21 5.14
C THR B 109 57.45 -27.36 4.15
N VAL B 110 58.63 -26.91 4.56
CA VAL B 110 59.45 -26.10 3.69
C VAL B 110 59.76 -26.92 2.45
N ALA B 111 59.70 -26.28 1.29
CA ALA B 111 60.05 -26.96 0.06
C ALA B 111 60.90 -26.04 -0.79
N ALA B 112 62.11 -26.51 -1.10
CA ALA B 112 63.03 -25.76 -1.92
C ALA B 112 62.55 -25.75 -3.35
N PRO B 113 62.74 -24.62 -4.05
CA PRO B 113 62.37 -24.58 -5.46
C PRO B 113 63.32 -25.42 -6.28
N SER B 114 62.80 -26.06 -7.32
CA SER B 114 63.65 -26.63 -8.35
C SER B 114 63.89 -25.54 -9.40
N VAL B 115 65.15 -25.25 -9.68
CA VAL B 115 65.48 -24.06 -10.47
C VAL B 115 65.99 -24.42 -11.85
N PHE B 116 65.47 -23.71 -12.86
CA PHE B 116 65.88 -23.91 -14.25
C PHE B 116 66.12 -22.58 -14.95
N ILE B 117 67.16 -22.50 -15.77
CA ILE B 117 67.35 -21.30 -16.58
C ILE B 117 67.22 -21.63 -18.07
N PHE B 118 66.60 -20.71 -18.81
CA PHE B 118 66.39 -20.85 -20.24
C PHE B 118 66.93 -19.65 -21.00
N PRO B 119 67.84 -19.93 -21.95
CA PRO B 119 68.37 -18.89 -22.83
C PRO B 119 67.27 -18.44 -23.78
N PRO B 120 67.45 -17.26 -24.41
CA PRO B 120 66.46 -16.86 -25.40
C PRO B 120 66.48 -17.79 -26.60
N SER B 121 65.35 -17.96 -27.23
CA SER B 121 65.29 -18.83 -28.40
C SER B 121 65.91 -18.11 -29.56
N ASP B 122 66.45 -18.88 -30.52
CA ASP B 122 67.04 -18.29 -31.71
C ASP B 122 65.98 -17.50 -32.48
N GLU B 123 64.76 -18.00 -32.43
CA GLU B 123 63.62 -17.35 -33.06
C GLU B 123 63.42 -15.95 -32.51
N GLN B 124 63.45 -15.81 -31.18
CA GLN B 124 63.27 -14.52 -30.52
C GLN B 124 64.41 -13.57 -30.88
N LEU B 125 65.62 -14.11 -30.93
CA LEU B 125 66.82 -13.33 -31.22
C LEU B 125 66.69 -12.62 -32.58
N LYS B 126 65.94 -13.25 -33.48
CA LYS B 126 65.62 -12.65 -34.78
C LYS B 126 64.88 -11.32 -34.65
N SER B 127 64.10 -11.17 -33.58
CA SER B 127 63.31 -9.96 -33.40
C SER B 127 64.18 -8.83 -32.86
N GLY B 128 65.40 -9.17 -32.44
CA GLY B 128 66.34 -8.19 -31.91
C GLY B 128 66.29 -8.01 -30.40
N THR B 129 65.55 -8.87 -29.72
CA THR B 129 65.42 -8.80 -28.28
C THR B 129 65.57 -10.20 -27.71
N ALA B 130 66.22 -10.30 -26.57
CA ALA B 130 66.42 -11.55 -25.88
C ALA B 130 65.76 -11.54 -24.51
N SER B 131 64.77 -12.40 -24.34
CA SER B 131 64.20 -12.65 -23.03
C SER B 131 64.81 -13.93 -22.49
N VAL B 132 65.38 -13.81 -21.30
CA VAL B 132 66.00 -14.92 -20.61
C VAL B 132 65.12 -15.26 -19.44
N VAL B 133 64.83 -16.53 -19.26
CA VAL B 133 63.83 -16.89 -18.29
C VAL B 133 64.40 -17.77 -17.18
N CYS B 134 64.06 -17.44 -15.94
CA CYS B 134 64.46 -18.25 -14.80
C CYS B 134 63.22 -18.75 -14.08
N LEU B 135 63.13 -20.07 -13.91
CA LEU B 135 61.99 -20.68 -13.25
C LEU B 135 62.32 -21.32 -11.91
N LEU B 136 61.53 -20.99 -10.90
CA LEU B 136 61.63 -21.65 -9.60
C LEU B 136 60.35 -22.42 -9.42
N ASN B 137 60.44 -23.75 -9.45
CA ASN B 137 59.24 -24.54 -9.47
C ASN B 137 58.99 -25.20 -8.11
N ASN B 138 57.73 -25.13 -7.68
CA ASN B 138 57.24 -25.82 -6.50
C ASN B 138 58.01 -25.61 -5.21
N PHE B 139 57.90 -24.41 -4.66
CA PHE B 139 58.57 -24.07 -3.41
C PHE B 139 57.60 -23.54 -2.35
N TYR B 140 58.07 -23.47 -1.11
CA TYR B 140 57.28 -22.94 -0.01
C TYR B 140 58.19 -22.54 1.12
N PRO B 141 57.95 -21.36 1.72
CA PRO B 141 56.88 -20.39 1.50
C PRO B 141 57.12 -19.51 0.27
N ARG B 142 56.24 -18.54 0.08
CA ARG B 142 56.23 -17.73 -1.12
C ARG B 142 57.45 -16.82 -1.21
N GLU B 143 58.01 -16.44 -0.07
CA GLU B 143 59.13 -15.51 -0.09
C GLU B 143 60.33 -16.20 -0.75
N ALA B 144 60.81 -15.56 -1.81
CA ALA B 144 61.96 -16.06 -2.55
C ALA B 144 62.67 -14.88 -3.18
N LYS B 145 63.99 -14.99 -3.37
CA LYS B 145 64.71 -13.93 -4.04
C LYS B 145 65.40 -14.44 -5.29
N VAL B 146 65.08 -13.79 -6.40
CA VAL B 146 65.78 -14.04 -7.65
C VAL B 146 66.68 -12.83 -7.90
N GLN B 147 67.97 -13.11 -8.11
CA GLN B 147 68.90 -12.08 -8.53
C GLN B 147 69.56 -12.50 -9.83
N TRP B 148 69.54 -11.61 -10.81
CA TRP B 148 70.18 -11.89 -12.10
C TRP B 148 71.60 -11.37 -12.07
N LYS B 149 72.55 -12.18 -12.52
CA LYS B 149 73.91 -11.72 -12.63
C LYS B 149 74.47 -11.91 -14.02
N VAL B 150 75.12 -10.86 -14.51
CA VAL B 150 75.74 -10.88 -15.82
C VAL B 150 77.22 -10.59 -15.72
N ASP B 151 78.02 -11.58 -16.08
CA ASP B 151 79.46 -11.54 -15.87
C ASP B 151 79.81 -11.05 -14.46
N ASN B 152 79.16 -11.65 -13.47
CA ASN B 152 79.27 -11.29 -12.04
C ASN B 152 78.71 -9.91 -11.71
N ALA B 153 78.12 -9.24 -12.69
CA ALA B 153 77.49 -7.95 -12.45
C ALA B 153 76.01 -8.21 -12.19
N LEU B 154 75.49 -7.69 -11.08
CA LEU B 154 74.09 -7.90 -10.72
C LEU B 154 73.20 -6.94 -11.51
N GLN B 155 72.10 -7.47 -12.04
CA GLN B 155 71.15 -6.68 -12.80
C GLN B 155 70.05 -6.07 -11.95
N SER B 156 69.59 -4.90 -12.36
CA SER B 156 68.48 -4.20 -11.72
C SER B 156 67.68 -3.43 -12.75
N GLY B 157 66.37 -3.38 -12.54
CA GLY B 157 65.49 -2.59 -13.38
C GLY B 157 65.15 -3.22 -14.71
N ASN B 158 65.82 -4.31 -15.05
CA ASN B 158 65.60 -4.98 -16.32
C ASN B 158 65.07 -6.40 -16.17
N SER B 159 64.38 -6.66 -15.06
CA SER B 159 63.74 -7.94 -14.84
C SER B 159 62.31 -7.76 -14.35
N GLN B 160 61.46 -8.73 -14.68
CA GLN B 160 60.09 -8.73 -14.16
C GLN B 160 59.80 -10.12 -13.62
N GLU B 161 58.96 -10.23 -12.60
CA GLU B 161 58.62 -11.58 -12.16
C GLU B 161 57.13 -11.74 -11.93
N SER B 162 56.68 -12.99 -11.89
CA SER B 162 55.34 -13.26 -11.43
C SER B 162 55.27 -14.57 -10.68
N VAL B 163 54.24 -14.73 -9.86
CA VAL B 163 54.15 -15.88 -8.97
C VAL B 163 52.78 -16.50 -9.11
N THR B 164 52.72 -17.83 -9.20
CA THR B 164 51.44 -18.50 -9.30
C THR B 164 50.68 -18.44 -7.99
N GLU B 165 49.39 -18.70 -8.06
CA GLU B 165 48.62 -18.94 -6.86
C GLU B 165 49.04 -20.27 -6.25
N GLN B 166 48.71 -20.47 -4.97
CA GLN B 166 49.02 -21.72 -4.29
C GLN B 166 48.37 -22.91 -5.00
N ASP B 167 49.15 -23.97 -5.18
CA ASP B 167 48.70 -25.16 -5.89
C ASP B 167 47.67 -25.96 -5.11
N SER B 168 46.64 -26.41 -5.81
CA SER B 168 45.52 -27.09 -5.16
C SER B 168 45.88 -28.48 -4.63
N LYS B 169 46.98 -29.04 -5.12
CA LYS B 169 47.36 -30.39 -4.74
C LYS B 169 48.44 -30.40 -3.67
N ASP B 170 49.52 -29.65 -3.89
CA ASP B 170 50.65 -29.66 -2.95
C ASP B 170 50.92 -28.33 -2.23
N SER B 171 50.08 -27.33 -2.46
CA SER B 171 50.16 -26.05 -1.75
C SER B 171 51.47 -25.28 -1.97
N THR B 172 52.18 -25.58 -3.06
CA THR B 172 53.40 -24.83 -3.35
C THR B 172 53.17 -23.65 -4.29
N TYR B 173 54.20 -22.82 -4.41
CA TYR B 173 54.21 -21.74 -5.37
C TYR B 173 55.27 -22.00 -6.41
N SER B 174 55.14 -21.33 -7.55
CA SER B 174 56.20 -21.28 -8.53
C SER B 174 56.39 -19.83 -8.91
N LEU B 175 57.59 -19.50 -9.33
CA LEU B 175 57.91 -18.13 -9.65
C LEU B 175 58.63 -18.13 -10.98
N SER B 176 58.30 -17.14 -11.81
CA SER B 176 58.96 -16.97 -13.09
C SER B 176 59.54 -15.58 -13.20
N SER B 177 60.82 -15.49 -13.50
CA SER B 177 61.45 -14.20 -13.68
C SER B 177 62.02 -14.07 -15.07
N THR B 178 61.76 -12.95 -15.73
CA THR B 178 62.29 -12.73 -17.06
C THR B 178 63.20 -11.49 -17.11
N LEU B 179 64.43 -11.72 -17.53
CA LEU B 179 65.38 -10.65 -17.79
C LEU B 179 65.34 -10.33 -19.28
N THR B 180 65.05 -9.08 -19.62
CA THR B 180 64.93 -8.74 -21.03
C THR B 180 66.00 -7.74 -21.46
N LEU B 181 66.79 -8.13 -22.46
CA LEU B 181 67.86 -7.30 -23.00
C LEU B 181 67.74 -7.18 -24.52
N SER B 182 68.28 -6.10 -25.09
CA SER B 182 68.45 -6.03 -26.55
C SER B 182 69.43 -7.11 -27.00
N LYS B 183 69.31 -7.54 -28.26
CA LYS B 183 70.24 -8.53 -28.82
C LYS B 183 71.70 -8.11 -28.75
N ALA B 184 71.99 -6.85 -29.05
CA ALA B 184 73.36 -6.36 -29.01
C ALA B 184 73.94 -6.48 -27.60
N ASP B 185 73.12 -6.08 -26.63
CA ASP B 185 73.50 -6.14 -25.23
C ASP B 185 73.69 -7.61 -24.82
N TYR B 186 72.82 -8.47 -25.34
CA TYR B 186 72.87 -9.92 -25.07
C TYR B 186 74.22 -10.49 -25.54
N GLU B 187 74.58 -10.11 -26.75
CA GLU B 187 75.80 -10.54 -27.42
C GLU B 187 77.07 -9.86 -26.90
N LYS B 188 76.92 -8.85 -26.06
CA LYS B 188 78.07 -8.12 -25.54
C LYS B 188 78.66 -8.73 -24.27
N HIS B 189 77.85 -9.51 -23.57
CA HIS B 189 78.34 -10.14 -22.35
C HIS B 189 78.39 -11.65 -22.51
N LYS B 190 78.81 -12.33 -21.45
CA LYS B 190 79.07 -13.76 -21.54
C LYS B 190 78.28 -14.59 -20.53
N VAL B 191 78.46 -14.28 -19.26
CA VAL B 191 77.85 -15.07 -18.19
C VAL B 191 76.43 -14.64 -17.85
N TYR B 192 75.46 -15.54 -18.09
CA TYR B 192 74.07 -15.26 -17.72
C TYR B 192 73.65 -16.19 -16.60
N ALA B 193 73.31 -15.59 -15.47
CA ALA B 193 73.08 -16.33 -14.24
C ALA B 193 71.82 -15.91 -13.48
N CYS B 194 71.15 -16.91 -12.92
CA CYS B 194 70.05 -16.72 -11.99
C CYS B 194 70.40 -17.30 -10.61
N GLU B 195 70.33 -16.43 -9.59
CA GLU B 195 70.69 -16.77 -8.22
C GLU B 195 69.47 -16.75 -7.30
N VAL B 196 69.24 -17.86 -6.63
CA VAL B 196 68.02 -18.06 -5.84
C VAL B 196 68.29 -18.15 -4.35
N THR B 197 67.59 -17.32 -3.59
CA THR B 197 67.60 -17.36 -2.13
C THR B 197 66.25 -17.74 -1.54
N HIS B 198 66.24 -18.82 -0.75
CA HIS B 198 65.01 -19.33 -0.16
C HIS B 198 65.28 -20.13 1.11
N GLN B 199 64.31 -20.17 2.02
CA GLN B 199 64.42 -20.88 3.31
C GLN B 199 64.87 -22.35 3.15
N GLY B 200 64.48 -22.98 2.05
CA GLY B 200 64.76 -24.39 1.81
C GLY B 200 66.12 -24.66 1.21
N LEU B 201 66.86 -23.58 0.94
CA LEU B 201 68.23 -23.72 0.43
C LEU B 201 69.26 -23.38 1.50
N SER B 202 70.21 -24.30 1.70
CA SER B 202 71.26 -24.11 2.70
C SER B 202 72.17 -22.96 2.28
N SER B 203 72.41 -22.85 0.98
CA SER B 203 73.12 -21.71 0.40
C SER B 203 72.46 -21.33 -0.92
N PRO B 204 72.65 -20.07 -1.38
CA PRO B 204 71.92 -19.67 -2.59
C PRO B 204 72.28 -20.56 -3.77
N VAL B 205 71.33 -20.83 -4.66
CA VAL B 205 71.62 -21.66 -5.82
C VAL B 205 71.74 -20.85 -7.10
N THR B 206 72.83 -21.02 -7.84
CA THR B 206 72.98 -20.31 -9.11
C THR B 206 72.97 -21.25 -10.32
N LYS B 207 72.09 -20.97 -11.28
CA LYS B 207 72.12 -21.64 -12.58
C LYS B 207 72.51 -20.67 -13.70
N SER B 208 73.36 -21.13 -14.62
CA SER B 208 73.88 -20.24 -15.67
C SER B 208 74.15 -20.87 -17.04
N PHE B 209 74.28 -20.01 -18.05
CA PHE B 209 74.82 -20.39 -19.35
C PHE B 209 75.69 -19.27 -19.93
N ASN B 210 76.55 -19.59 -20.89
CA ASN B 210 77.27 -18.56 -21.65
C ASN B 210 76.67 -18.26 -23.02
N GLN C 1 17.29 -23.59 -12.61
CA GLN C 1 18.50 -23.14 -11.92
C GLN C 1 18.87 -21.74 -12.37
N VAL C 2 19.11 -20.85 -11.41
CA VAL C 2 19.40 -19.46 -11.72
C VAL C 2 20.80 -19.27 -12.29
N GLN C 3 20.85 -18.70 -13.49
CA GLN C 3 22.12 -18.45 -14.14
C GLN C 3 22.14 -17.06 -14.72
N LEU C 4 23.31 -16.43 -14.71
CA LEU C 4 23.51 -15.17 -15.40
C LEU C 4 24.73 -15.25 -16.31
N LYS C 5 24.54 -14.92 -17.59
CA LYS C 5 25.58 -15.02 -18.59
C LYS C 5 25.81 -13.68 -19.25
N GLN C 6 27.06 -13.21 -19.22
CA GLN C 6 27.35 -11.86 -19.68
C GLN C 6 27.94 -11.87 -21.08
N SER C 7 27.77 -10.76 -21.78
CA SER C 7 28.38 -10.56 -23.08
C SER C 7 28.80 -9.11 -23.07
N GLY C 8 29.64 -8.71 -24.02
CA GLY C 8 30.27 -7.42 -23.90
C GLY C 8 31.70 -7.43 -24.40
N PRO C 9 32.29 -6.24 -24.56
CA PRO C 9 33.64 -6.07 -25.07
C PRO C 9 34.73 -6.56 -24.11
N GLY C 10 35.96 -6.21 -24.48
CA GLY C 10 37.13 -6.47 -23.66
C GLY C 10 37.71 -5.08 -23.55
N LEU C 11 38.17 -4.56 -24.69
CA LEU C 11 38.86 -3.28 -24.70
C LEU C 11 37.90 -2.17 -25.06
N VAL C 12 37.85 -1.16 -24.19
CA VAL C 12 37.15 0.08 -24.45
C VAL C 12 38.14 1.24 -24.49
N GLN C 13 38.00 2.13 -25.47
CA GLN C 13 38.87 3.30 -25.57
C GLN C 13 38.39 4.33 -24.55
N PRO C 14 39.31 5.09 -23.98
CA PRO C 14 38.98 6.16 -23.03
C PRO C 14 37.98 7.17 -23.57
N SER C 15 37.08 7.63 -22.70
CA SER C 15 36.02 8.60 -23.00
C SER C 15 34.87 8.01 -23.84
N GLN C 16 35.05 6.77 -24.25
CA GLN C 16 34.05 6.04 -25.03
C GLN C 16 33.20 5.18 -24.08
N SER C 17 32.18 4.48 -24.58
CA SER C 17 31.29 3.77 -23.67
C SER C 17 31.50 2.26 -23.62
N LEU C 18 31.07 1.68 -22.50
CA LEU C 18 31.17 0.26 -22.20
C LEU C 18 29.78 -0.33 -22.06
N SER C 19 29.49 -1.36 -22.84
CA SER C 19 28.18 -2.00 -22.74
C SER C 19 28.26 -3.50 -22.56
N ILE C 20 27.57 -3.98 -21.52
CA ILE C 20 27.53 -5.39 -21.19
C ILE C 20 26.08 -5.85 -21.14
N THR C 21 25.79 -7.01 -21.72
CA THR C 21 24.44 -7.56 -21.64
C THR C 21 24.47 -8.74 -20.70
N CYS C 22 23.54 -8.77 -19.77
CA CYS C 22 23.45 -9.89 -18.88
C CYS C 22 22.18 -10.63 -19.25
N THR C 23 22.33 -11.85 -19.72
CA THR C 23 21.20 -12.67 -20.09
C THR C 23 20.98 -13.68 -19.00
N VAL C 24 19.80 -13.65 -18.41
CA VAL C 24 19.52 -14.48 -17.26
C VAL C 24 18.64 -15.65 -17.63
N SER C 25 18.70 -16.69 -16.81
CA SER C 25 17.80 -17.82 -16.99
C SER C 25 17.51 -18.42 -15.62
N GLY C 26 16.38 -19.12 -15.52
CA GLY C 26 16.04 -19.76 -14.27
C GLY C 26 15.29 -18.88 -13.30
N PHE C 27 14.94 -17.67 -13.72
CA PHE C 27 14.05 -16.83 -12.94
C PHE C 27 13.40 -15.75 -13.78
N ASP C 28 12.71 -14.84 -13.11
CA ASP C 28 11.98 -13.83 -13.84
C ASP C 28 12.44 -12.44 -13.47
N LEU C 29 12.69 -11.63 -14.50
CA LEU C 29 13.20 -10.29 -14.30
C LEU C 29 12.17 -9.38 -13.68
N THR C 30 10.89 -9.72 -13.82
CA THR C 30 9.86 -8.93 -13.19
C THR C 30 9.78 -9.21 -11.70
N ASP C 31 10.51 -10.22 -11.24
CA ASP C 31 10.43 -10.62 -9.83
C ASP C 31 11.67 -10.28 -9.04
N TYR C 32 12.79 -10.05 -9.73
CA TYR C 32 14.04 -9.75 -9.06
C TYR C 32 14.78 -8.63 -9.76
N GLY C 33 15.48 -7.83 -8.96
CA GLY C 33 16.41 -6.84 -9.47
C GLY C 33 17.70 -7.51 -9.93
N VAL C 34 18.40 -6.87 -10.85
CA VAL C 34 19.71 -7.34 -11.23
C VAL C 34 20.71 -6.23 -10.95
N HIS C 35 21.74 -6.57 -10.19
CA HIS C 35 22.71 -5.59 -9.77
C HIS C 35 23.96 -5.67 -10.63
N TRP C 36 24.74 -4.61 -10.68
CA TRP C 36 26.00 -4.68 -11.33
C TRP C 36 26.99 -4.19 -10.30
N VAL C 37 28.07 -4.96 -10.16
CA VAL C 37 29.11 -4.78 -9.17
C VAL C 37 30.40 -5.09 -9.90
N ARG C 38 31.44 -4.28 -9.69
CA ARG C 38 32.73 -4.52 -10.34
C ARG C 38 33.85 -4.76 -9.35
N GLN C 39 34.95 -5.31 -9.89
CA GLN C 39 36.12 -5.67 -9.11
C GLN C 39 37.43 -5.26 -9.76
N SER C 40 38.11 -4.31 -9.13
CA SER C 40 39.41 -3.85 -9.61
C SER C 40 40.41 -4.43 -8.65
N PRO C 41 41.62 -4.73 -9.12
CA PRO C 41 42.62 -5.32 -8.22
C PRO C 41 42.83 -4.46 -6.96
N GLY C 42 43.03 -3.16 -7.17
CA GLY C 42 43.16 -2.19 -6.09
C GLY C 42 41.90 -1.40 -5.78
N LYS C 43 40.78 -2.12 -5.62
CA LYS C 43 39.51 -1.52 -5.26
C LYS C 43 38.57 -2.60 -4.69
N GLY C 44 39.03 -3.86 -4.69
CA GLY C 44 38.23 -5.00 -4.20
C GLY C 44 36.89 -5.00 -4.93
N LEU C 45 35.79 -5.36 -4.26
CA LEU C 45 34.54 -5.34 -4.99
C LEU C 45 33.80 -4.03 -4.73
N GLU C 46 33.16 -3.52 -5.77
CA GLU C 46 32.46 -2.25 -5.70
C GLU C 46 31.09 -2.35 -6.36
N TRP C 47 30.01 -2.14 -5.61
CA TRP C 47 28.66 -2.16 -6.17
C TRP C 47 28.40 -0.91 -6.98
N LEU C 48 27.84 -1.09 -8.19
CA LEU C 48 27.68 0.02 -9.12
C LEU C 48 26.24 0.45 -9.18
N GLY C 49 25.34 -0.50 -9.22
CA GLY C 49 23.94 -0.11 -9.29
C GLY C 49 23.03 -1.28 -9.52
N VAL C 50 21.76 -1.02 -9.67
CA VAL C 50 20.81 -2.10 -9.77
C VAL C 50 19.64 -1.63 -10.56
N ILE C 51 19.07 -2.50 -11.38
CA ILE C 51 17.77 -2.20 -11.93
C ILE C 51 16.83 -3.16 -11.26
N TRP C 52 15.81 -2.60 -10.64
CA TRP C 52 14.93 -3.39 -9.81
C TRP C 52 13.83 -4.06 -10.61
N SER C 53 13.13 -4.96 -9.93
CA SER C 53 12.01 -5.68 -10.48
C SER C 53 11.08 -4.75 -11.26
N GLY C 54 10.72 -3.61 -10.67
CA GLY C 54 9.74 -2.72 -11.26
C GLY C 54 10.19 -1.83 -12.42
N GLY C 55 11.48 -1.88 -12.74
CA GLY C 55 12.06 -1.12 -13.84
C GLY C 55 12.84 0.09 -13.40
N ASN C 56 12.59 0.53 -12.15
CA ASN C 56 13.37 1.59 -11.53
C ASN C 56 14.83 1.19 -11.37
N THR C 57 15.71 2.17 -11.34
CA THR C 57 17.13 1.88 -11.13
C THR C 57 17.69 2.67 -9.98
N ASP C 58 18.72 2.14 -9.36
CA ASP C 58 19.51 2.94 -8.44
C ASP C 58 20.96 2.87 -8.89
N TYR C 59 21.65 4.00 -8.85
CA TYR C 59 23.06 4.01 -9.22
C TYR C 59 23.90 4.50 -8.05
N ASN C 60 25.02 3.83 -7.81
CA ASN C 60 25.92 4.25 -6.75
C ASN C 60 26.41 5.64 -7.05
N THR C 61 26.61 6.44 -6.01
CA THR C 61 26.86 7.87 -6.13
C THR C 61 27.91 8.31 -7.17
N PRO C 62 29.08 7.64 -7.24
CA PRO C 62 30.06 8.11 -8.24
C PRO C 62 29.66 7.88 -9.69
N PHE C 63 28.59 7.13 -9.92
CA PHE C 63 28.31 6.69 -11.28
C PHE C 63 26.94 7.15 -11.71
N THR C 64 26.28 7.92 -10.84
CA THR C 64 24.92 8.38 -11.09
C THR C 64 24.77 9.12 -12.40
N SER C 65 25.84 9.77 -12.82
CA SER C 65 25.81 10.68 -13.96
C SER C 65 26.30 10.06 -15.27
N ARG C 66 26.78 8.82 -15.21
CA ARG C 66 27.35 8.18 -16.39
C ARG C 66 26.97 6.71 -16.57
N LEU C 67 26.00 6.26 -15.79
CA LEU C 67 25.55 4.87 -15.82
C LEU C 67 24.11 4.74 -16.32
N SER C 68 23.87 3.74 -17.15
CA SER C 68 22.54 3.46 -17.63
C SER C 68 22.23 1.98 -17.62
N ILE C 69 21.14 1.61 -16.98
CA ILE C 69 20.72 0.23 -16.96
C ILE C 69 19.30 0.10 -17.49
N ASN C 70 19.09 -0.75 -18.49
CA ASN C 70 17.74 -0.93 -18.99
C ASN C 70 17.48 -2.40 -19.00
N LYS C 71 16.26 -2.84 -19.29
CA LYS C 71 16.09 -4.28 -19.39
C LYS C 71 14.91 -4.65 -20.25
N ASP C 72 14.90 -5.90 -20.67
CA ASP C 72 13.81 -6.48 -21.43
C ASP C 72 13.43 -7.76 -20.73
N ASN C 73 12.31 -7.71 -20.01
CA ASN C 73 11.83 -8.85 -19.25
C ASN C 73 11.59 -10.05 -20.16
N SER C 74 10.98 -9.77 -21.31
CA SER C 74 10.61 -10.79 -22.27
C SER C 74 11.82 -11.50 -22.86
N LYS C 75 12.93 -10.77 -22.99
CA LYS C 75 14.13 -11.33 -23.58
C LYS C 75 15.12 -11.73 -22.49
N SER C 76 14.71 -11.61 -21.22
CA SER C 76 15.54 -11.95 -20.06
C SER C 76 16.91 -11.27 -20.14
N GLN C 77 16.92 -10.02 -20.60
CA GLN C 77 18.18 -9.32 -20.74
C GLN C 77 18.24 -8.04 -19.94
N VAL C 78 19.40 -7.78 -19.35
CA VAL C 78 19.67 -6.54 -18.67
C VAL C 78 20.84 -5.85 -19.38
N PHE C 79 20.71 -4.56 -19.66
CA PHE C 79 21.73 -3.87 -20.42
C PHE C 79 22.42 -2.84 -19.54
N PHE C 80 23.72 -3.05 -19.38
CA PHE C 80 24.59 -2.18 -18.61
C PHE C 80 25.34 -1.31 -19.57
N LYS C 81 25.26 0.00 -19.38
CA LYS C 81 26.03 0.91 -20.20
C LYS C 81 26.70 1.97 -19.34
N MET C 82 28.00 2.18 -19.53
CA MET C 82 28.67 3.21 -18.76
C MET C 82 29.45 4.10 -19.71
N ASN C 83 29.33 5.40 -19.48
CA ASN C 83 29.86 6.44 -20.37
C ASN C 83 31.18 6.94 -19.85
N SER C 84 31.91 7.62 -20.70
CA SER C 84 33.07 8.40 -20.26
C SER C 84 34.12 7.59 -19.51
N LEU C 85 34.57 6.46 -20.06
CA LEU C 85 35.47 5.60 -19.32
C LEU C 85 36.88 6.16 -19.16
N GLN C 86 37.49 5.93 -18.01
CA GLN C 86 38.90 6.26 -17.84
C GLN C 86 39.74 5.04 -17.45
N SER C 87 41.05 5.20 -17.41
CA SER C 87 41.97 4.12 -17.09
C SER C 87 41.63 3.38 -15.82
N ASN C 88 41.25 4.12 -14.79
CA ASN C 88 40.82 3.53 -13.53
C ASN C 88 39.39 2.99 -13.51
N ASP C 89 38.77 2.82 -14.69
CA ASP C 89 37.59 1.96 -14.82
C ASP C 89 37.93 0.57 -15.32
N THR C 90 39.22 0.31 -15.54
CA THR C 90 39.65 -1.06 -15.84
C THR C 90 39.28 -2.00 -14.67
N ALA C 91 38.55 -3.06 -14.97
CA ALA C 91 38.01 -3.94 -13.93
C ALA C 91 37.32 -5.16 -14.50
N ILE C 92 37.08 -6.17 -13.67
CA ILE C 92 36.15 -7.22 -14.07
C ILE C 92 34.73 -6.78 -13.65
N TYR C 93 33.80 -6.79 -14.60
CA TYR C 93 32.41 -6.40 -14.35
C TYR C 93 31.41 -7.56 -14.21
N TYR C 94 30.70 -7.58 -13.08
CA TYR C 94 29.71 -8.61 -12.80
C TYR C 94 28.30 -8.08 -12.72
N CYS C 95 27.36 -8.87 -13.23
CA CYS C 95 25.97 -8.69 -12.87
C CYS C 95 25.70 -9.73 -11.84
N ALA C 96 24.68 -9.52 -11.02
CA ALA C 96 24.42 -10.43 -9.92
C ALA C 96 22.96 -10.36 -9.47
N ARG C 97 22.48 -11.46 -8.93
CA ARG C 97 21.14 -11.51 -8.38
C ARG C 97 21.27 -11.96 -6.92
N ALA C 98 20.41 -11.41 -6.07
CA ALA C 98 20.47 -11.77 -4.67
C ALA C 98 19.70 -13.05 -4.41
N LEU C 99 19.97 -13.63 -3.24
CA LEU C 99 19.29 -14.82 -2.79
C LEU C 99 17.80 -14.62 -2.55
N THR C 100 17.46 -13.51 -1.91
CA THR C 100 16.06 -13.21 -1.59
C THR C 100 15.63 -11.85 -2.15
N TYR C 101 14.31 -11.64 -2.22
CA TYR C 101 13.72 -10.47 -2.82
C TYR C 101 14.22 -9.22 -2.13
N TYR C 102 14.45 -8.16 -2.88
CA TYR C 102 14.87 -6.86 -2.34
C TYR C 102 16.23 -6.78 -1.63
N ASP C 103 16.96 -7.88 -1.57
CA ASP C 103 18.11 -7.93 -0.68
C ASP C 103 19.42 -7.80 -1.45
N TYR C 104 20.54 -8.00 -0.76
CA TYR C 104 21.85 -7.70 -1.32
C TYR C 104 22.88 -8.80 -1.07
N GLU C 105 22.42 -9.99 -0.74
CA GLU C 105 23.34 -11.11 -0.59
C GLU C 105 23.41 -11.78 -1.94
N PHE C 106 24.54 -11.62 -2.61
CA PHE C 106 24.58 -11.99 -4.01
C PHE C 106 24.92 -13.48 -4.10
N ALA C 107 23.86 -14.25 -4.24
CA ALA C 107 23.96 -15.68 -4.28
C ALA C 107 24.26 -16.12 -5.69
N TYR C 108 23.97 -15.24 -6.67
CA TYR C 108 24.19 -15.59 -8.07
C TYR C 108 24.96 -14.52 -8.81
N TRP C 109 25.99 -14.91 -9.55
CA TRP C 109 26.85 -13.94 -10.23
C TRP C 109 27.02 -14.31 -11.71
N GLY C 110 27.10 -13.30 -12.58
CA GLY C 110 27.54 -13.54 -13.95
C GLY C 110 28.97 -14.03 -13.93
N GLN C 111 29.49 -14.42 -15.08
CA GLN C 111 30.85 -14.99 -15.12
C GLN C 111 31.89 -13.88 -15.15
N GLY C 112 31.43 -12.63 -15.27
CA GLY C 112 32.30 -11.48 -15.29
C GLY C 112 32.73 -11.12 -16.69
N THR C 113 32.99 -9.83 -16.90
CA THR C 113 33.50 -9.33 -18.18
C THR C 113 34.75 -8.51 -17.92
N LEU C 114 35.88 -8.96 -18.46
CA LEU C 114 37.11 -8.22 -18.25
C LEU C 114 37.16 -7.00 -19.15
N VAL C 115 37.11 -5.82 -18.54
CA VAL C 115 37.18 -4.56 -19.27
C VAL C 115 38.48 -3.82 -19.04
N THR C 116 39.21 -3.63 -20.14
CA THR C 116 40.45 -2.89 -20.10
C THR C 116 40.12 -1.52 -20.63
N VAL C 117 40.57 -0.48 -19.97
CA VAL C 117 40.37 0.83 -20.54
C VAL C 117 41.75 1.37 -20.88
N SER C 118 41.98 1.50 -22.19
CA SER C 118 43.27 1.88 -22.73
C SER C 118 43.06 2.35 -24.15
N ALA C 119 43.83 3.35 -24.57
CA ALA C 119 43.71 3.86 -25.92
C ALA C 119 44.61 3.10 -26.89
N ALA C 120 45.32 2.08 -26.40
CA ALA C 120 46.30 1.40 -27.22
C ALA C 120 45.62 0.46 -28.20
N SER C 121 46.42 -0.21 -29.01
CA SER C 121 45.88 -1.10 -30.02
C SER C 121 46.04 -2.54 -29.62
N THR C 122 45.16 -3.38 -30.13
CA THR C 122 45.25 -4.80 -29.92
C THR C 122 46.42 -5.36 -30.68
N LYS C 123 47.18 -6.25 -30.07
CA LYS C 123 48.29 -6.88 -30.75
C LYS C 123 48.40 -8.35 -30.36
N GLY C 124 48.54 -9.25 -31.32
CA GLY C 124 48.64 -10.67 -31.01
C GLY C 124 50.04 -11.00 -30.51
N PRO C 125 50.17 -12.06 -29.70
CA PRO C 125 51.48 -12.38 -29.10
C PRO C 125 52.43 -13.07 -30.05
N SER C 126 53.72 -12.93 -29.80
CA SER C 126 54.71 -13.79 -30.40
C SER C 126 55.10 -14.88 -29.41
N VAL C 127 55.36 -16.09 -29.90
CA VAL C 127 55.63 -17.22 -29.02
C VAL C 127 57.00 -17.86 -29.27
N PHE C 128 57.81 -17.94 -28.23
CA PHE C 128 59.17 -18.48 -28.38
C PHE C 128 59.39 -19.70 -27.47
N PRO C 129 60.22 -20.66 -27.91
CA PRO C 129 60.48 -21.85 -27.09
C PRO C 129 61.45 -21.67 -25.92
N LEU C 130 61.12 -22.31 -24.81
CA LEU C 130 62.02 -22.49 -23.67
C LEU C 130 62.42 -23.95 -23.61
N ALA C 131 63.63 -24.29 -24.05
CA ALA C 131 64.04 -25.68 -24.10
C ALA C 131 65.01 -26.10 -22.99
N PRO C 132 64.85 -27.35 -22.49
CA PRO C 132 65.66 -28.11 -21.51
C PRO C 132 67.14 -28.33 -21.87
N SER C 133 67.91 -28.79 -20.88
CA SER C 133 69.30 -29.17 -21.07
C SER C 133 69.55 -30.63 -20.69
N THR C 141 64.79 -35.04 -13.82
CA THR C 141 63.59 -34.33 -14.25
C THR C 141 63.95 -33.04 -14.98
N ALA C 142 63.28 -32.80 -16.11
CA ALA C 142 63.54 -31.61 -16.90
C ALA C 142 62.31 -30.70 -17.00
N ALA C 143 62.57 -29.40 -17.20
CA ALA C 143 61.50 -28.42 -17.44
C ALA C 143 61.56 -27.82 -18.85
N LEU C 144 60.40 -27.58 -19.45
CA LEU C 144 60.35 -26.87 -20.73
C LEU C 144 59.16 -25.92 -20.76
N GLY C 145 59.12 -25.03 -21.74
CA GLY C 145 58.03 -24.07 -21.79
C GLY C 145 57.86 -23.22 -23.03
N CYS C 146 56.92 -22.27 -22.92
CA CYS C 146 56.62 -21.31 -23.96
C CYS C 146 56.60 -19.89 -23.40
N LEU C 147 57.22 -19.00 -24.16
CA LEU C 147 57.21 -17.59 -23.85
C LEU C 147 56.20 -16.88 -24.74
N VAL C 148 55.14 -16.37 -24.13
CA VAL C 148 54.05 -15.71 -24.83
C VAL C 148 54.21 -14.22 -24.62
N LYS C 149 54.81 -13.54 -25.60
CA LYS C 149 55.34 -12.19 -25.43
C LYS C 149 54.65 -11.13 -26.27
N ASP C 150 54.46 -9.95 -25.69
CA ASP C 150 54.08 -8.74 -26.42
C ASP C 150 52.69 -8.80 -27.01
N TYR C 151 51.68 -8.97 -26.17
CA TYR C 151 50.32 -9.02 -26.66
C TYR C 151 49.49 -8.00 -25.90
N PHE C 152 48.32 -7.68 -26.43
CA PHE C 152 47.41 -6.75 -25.77
C PHE C 152 46.03 -6.89 -26.36
N PRO C 153 44.98 -6.79 -25.55
CA PRO C 153 44.97 -6.75 -24.08
C PRO C 153 44.97 -8.15 -23.49
N GLU C 154 44.72 -8.30 -22.21
CA GLU C 154 44.51 -9.63 -21.65
C GLU C 154 43.07 -10.03 -21.94
N PRO C 155 42.78 -11.34 -21.98
CA PRO C 155 43.58 -12.50 -21.56
C PRO C 155 44.16 -13.35 -22.68
N VAL C 156 45.17 -14.12 -22.31
CA VAL C 156 45.62 -15.22 -23.15
C VAL C 156 45.36 -16.54 -22.46
N THR C 157 44.85 -17.53 -23.19
CA THR C 157 44.67 -18.84 -22.59
C THR C 157 45.70 -19.79 -23.17
N VAL C 158 46.29 -20.63 -22.33
CA VAL C 158 47.26 -21.62 -22.79
C VAL C 158 46.94 -23.00 -22.27
N SER C 159 46.98 -23.98 -23.18
CA SER C 159 46.93 -25.38 -22.79
C SER C 159 48.17 -26.08 -23.35
N TRP C 160 48.41 -27.32 -22.91
CA TRP C 160 49.50 -28.10 -23.44
C TRP C 160 49.00 -29.38 -24.08
N ASN C 161 49.50 -29.68 -25.28
CA ASN C 161 49.09 -30.85 -26.04
C ASN C 161 47.56 -30.92 -26.09
N SER C 162 46.97 -29.76 -26.39
CA SER C 162 45.54 -29.58 -26.53
C SER C 162 44.77 -29.99 -25.28
N GLY C 163 45.41 -29.83 -24.11
CA GLY C 163 44.74 -30.18 -22.87
C GLY C 163 45.05 -31.57 -22.35
N ALA C 164 45.74 -32.37 -23.15
CA ALA C 164 46.08 -33.75 -22.77
C ALA C 164 47.14 -33.80 -21.67
N LEU C 165 47.92 -32.74 -21.56
CA LEU C 165 48.93 -32.64 -20.51
C LEU C 165 48.58 -31.51 -19.55
N THR C 166 47.98 -31.83 -18.42
CA THR C 166 47.66 -30.85 -17.39
C THR C 166 48.41 -31.16 -16.09
N SER C 167 49.35 -32.09 -16.18
CA SER C 167 50.16 -32.44 -15.01
C SER C 167 51.51 -31.74 -15.10
N GLY C 168 51.86 -31.04 -14.02
CA GLY C 168 53.15 -30.36 -13.93
C GLY C 168 53.14 -29.03 -14.67
N VAL C 169 51.98 -28.66 -15.18
CA VAL C 169 51.83 -27.37 -15.86
C VAL C 169 51.60 -26.19 -14.93
N HIS C 170 52.39 -25.14 -15.11
CA HIS C 170 52.16 -23.84 -14.48
C HIS C 170 52.18 -22.73 -15.51
N THR C 171 51.04 -22.06 -15.66
CA THR C 171 50.96 -20.87 -16.51
C THR C 171 50.88 -19.62 -15.63
N PHE C 172 51.88 -18.77 -15.75
CA PHE C 172 52.07 -17.67 -14.82
C PHE C 172 51.18 -16.49 -15.13
N PRO C 173 50.90 -15.67 -14.10
CA PRO C 173 50.26 -14.37 -14.32
C PRO C 173 51.04 -13.55 -15.34
N ALA C 174 50.34 -12.86 -16.24
CA ALA C 174 51.03 -11.98 -17.15
C ALA C 174 51.69 -10.83 -16.39
N VAL C 175 52.78 -10.31 -16.94
CA VAL C 175 53.41 -9.09 -16.47
C VAL C 175 53.29 -7.99 -17.51
N LEU C 176 53.11 -6.76 -17.04
CA LEU C 176 53.06 -5.64 -17.96
C LEU C 176 54.42 -5.05 -18.34
N GLN C 177 54.76 -5.17 -19.62
CA GLN C 177 56.00 -4.63 -20.15
C GLN C 177 55.80 -3.18 -20.50
N SER C 178 56.89 -2.41 -20.31
CA SER C 178 56.95 -0.97 -20.47
C SER C 178 56.61 -0.55 -21.90
N SER C 179 56.66 -1.52 -22.80
CA SER C 179 56.23 -1.32 -24.16
C SER C 179 54.72 -1.15 -24.15
N GLY C 180 54.11 -1.41 -23.00
CA GLY C 180 52.67 -1.37 -22.84
C GLY C 180 52.07 -2.72 -23.20
N LEU C 181 52.93 -3.69 -23.44
CA LEU C 181 52.43 -5.03 -23.81
C LEU C 181 52.60 -6.07 -22.73
N TYR C 182 51.71 -7.05 -22.70
CA TYR C 182 51.79 -8.07 -21.68
C TYR C 182 52.74 -9.16 -22.11
N SER C 183 53.30 -9.85 -21.14
CA SER C 183 54.08 -11.03 -21.44
C SER C 183 53.81 -12.08 -20.37
N LEU C 184 53.66 -13.31 -20.81
CA LEU C 184 53.29 -14.38 -19.92
C LEU C 184 54.13 -15.58 -20.31
N SER C 185 54.52 -16.38 -19.33
CA SER C 185 55.19 -17.62 -19.66
C SER C 185 54.40 -18.80 -19.12
N SER C 186 54.45 -19.91 -19.85
CA SER C 186 53.85 -21.13 -19.34
C SER C 186 54.82 -22.29 -19.46
N VAL C 187 55.00 -23.04 -18.38
CA VAL C 187 55.97 -24.12 -18.39
C VAL C 187 55.35 -25.39 -17.88
N VAL C 188 56.03 -26.50 -18.15
CA VAL C 188 55.62 -27.78 -17.61
C VAL C 188 56.90 -28.57 -17.36
N THR C 189 56.87 -29.33 -16.27
CA THR C 189 57.95 -30.23 -15.91
C THR C 189 57.57 -31.68 -16.18
N VAL C 190 58.52 -32.41 -16.75
CA VAL C 190 58.32 -33.79 -17.17
C VAL C 190 59.61 -34.57 -16.90
N PRO C 191 59.52 -35.92 -16.87
CA PRO C 191 60.75 -36.70 -16.76
C PRO C 191 61.69 -36.44 -17.92
N SER C 192 62.96 -36.22 -17.62
CA SER C 192 63.99 -35.90 -18.62
C SER C 192 64.08 -36.98 -19.68
N SER C 193 63.71 -38.20 -19.31
CA SER C 193 63.73 -39.33 -20.22
C SER C 193 62.65 -39.23 -21.31
N SER C 194 61.74 -38.26 -21.18
CA SER C 194 60.68 -38.07 -22.18
C SER C 194 61.01 -37.08 -23.31
N LEU C 195 62.14 -36.38 -23.21
CA LEU C 195 62.51 -35.34 -24.17
C LEU C 195 62.74 -35.84 -25.61
N GLY C 196 63.19 -37.08 -25.74
CA GLY C 196 63.43 -37.66 -27.04
C GLY C 196 62.20 -38.30 -27.64
N THR C 197 61.35 -38.84 -26.78
CA THR C 197 60.23 -39.67 -27.24
C THR C 197 58.90 -38.94 -27.33
N GLN C 198 58.60 -38.07 -26.37
CA GLN C 198 57.30 -37.40 -26.37
C GLN C 198 57.41 -36.00 -26.97
N THR C 199 56.47 -35.65 -27.83
CA THR C 199 56.44 -34.31 -28.42
C THR C 199 55.57 -33.40 -27.55
N TYR C 200 56.06 -32.18 -27.32
CA TYR C 200 55.35 -31.20 -26.49
C TYR C 200 54.99 -29.93 -27.25
N ILE C 201 53.68 -29.64 -27.30
CA ILE C 201 53.15 -28.49 -28.03
C ILE C 201 52.36 -27.56 -27.11
N CYS C 202 52.73 -26.29 -27.04
CA CYS C 202 51.89 -25.36 -26.28
C CYS C 202 50.88 -24.67 -27.20
N ASN C 203 49.63 -24.68 -26.77
CA ASN C 203 48.53 -24.07 -27.48
C ASN C 203 48.17 -22.74 -26.86
N VAL C 204 48.49 -21.67 -27.57
CA VAL C 204 48.28 -20.32 -27.13
C VAL C 204 47.08 -19.72 -27.85
N ASN C 205 46.15 -19.12 -27.13
CA ASN C 205 45.02 -18.47 -27.76
C ASN C 205 44.79 -17.09 -27.20
N HIS C 206 44.97 -16.10 -28.08
CA HIS C 206 44.68 -14.73 -27.74
C HIS C 206 43.42 -14.33 -28.50
N LYS C 207 42.29 -14.53 -27.82
CA LYS C 207 40.96 -14.31 -28.37
C LYS C 207 40.67 -12.86 -28.86
N PRO C 208 41.12 -11.83 -28.12
CA PRO C 208 40.86 -10.45 -28.59
C PRO C 208 41.41 -10.13 -29.98
N SER C 209 42.48 -10.82 -30.38
CA SER C 209 43.08 -10.59 -31.69
C SER C 209 42.88 -11.77 -32.65
N ASN C 210 42.09 -12.77 -32.23
CA ASN C 210 41.93 -14.01 -32.99
C ASN C 210 43.26 -14.63 -33.37
N THR C 211 44.20 -14.64 -32.44
CA THR C 211 45.50 -15.23 -32.70
C THR C 211 45.62 -16.59 -32.03
N LYS C 212 45.74 -17.65 -32.82
CA LYS C 212 45.95 -18.99 -32.27
C LYS C 212 47.31 -19.53 -32.71
N VAL C 213 48.11 -20.02 -31.77
CA VAL C 213 49.41 -20.57 -32.12
C VAL C 213 49.73 -21.91 -31.46
N ASP C 214 50.21 -22.87 -32.25
CA ASP C 214 50.72 -24.12 -31.72
C ASP C 214 52.23 -24.25 -31.85
N LYS C 215 52.95 -24.35 -30.74
CA LYS C 215 54.43 -24.39 -30.80
C LYS C 215 55.04 -25.66 -30.21
N LYS C 216 55.81 -26.37 -31.03
CA LYS C 216 56.58 -27.52 -30.57
C LYS C 216 57.82 -27.06 -29.83
N VAL C 217 58.08 -27.66 -28.67
CA VAL C 217 59.27 -27.28 -27.91
C VAL C 217 60.15 -28.52 -27.77
N GLU C 218 61.40 -28.41 -28.21
CA GLU C 218 62.36 -29.52 -28.15
C GLU C 218 63.79 -28.99 -28.06
N PRO C 219 64.74 -29.81 -27.60
CA PRO C 219 66.15 -29.40 -27.59
C PRO C 219 66.66 -29.01 -28.97
#